data_5W49
#
_entry.id   5W49
#
_cell.length_a   92.862
_cell.length_b   136.102
_cell.length_c   186.728
_cell.angle_alpha   90.000
_cell.angle_beta   90.000
_cell.angle_gamma   90.000
#
_symmetry.space_group_name_H-M   'C 2 2 21'
#
loop_
_entity.id
_entity.type
_entity.pdbx_description
1 polymer Adenosylhomocysteinase
2 non-polymer NICOTINAMIDE-ADENINE-DINUCLEOTIDE
3 non-polymer 1,2-ETHANEDIOL
4 non-polymer (4-amino-1,2,5-oxadiazol-3-yl)[(3R)-3-{4-[(3-methoxyphenyl)amino]-6-methylpyridin-2-yl}pyrrolidin-1-yl]methanone
5 water water
#
_entity_poly.entity_id   1
_entity_poly.type   'polypeptide(L)'
_entity_poly.pdbx_seq_one_letter_code
;KLPYKVADIGLAAWGRKALDIAENEMPGLMRMRERYSASKPLKGARIAGCLHMTVETAVLIETLVTLGAEVQWSSCNIFS
TQDHAAAAIAKAGIPVYAWKGETDEEYLWCIEQTLYFKDGPLNMILDDGGDLTNLIHTKYPQLLPGIRGISEETTTGVHN
LYKMMANGILKVPAINVNDSVTKSKFDNLYGCRESLIDGIKRATDVMIAGKVAVVAGYGDVGKGCAQALRGFGARVIITE
IDPINALQAAMEGYEVTTMDEACQEGNIFVTTTGCIDIILGRHFEQMKDDAIVCNIGHFDVEIDVKWLNENAVEKVNIKP
QVDRYRLKNGRRIILLAEGRLVNLGCAMGHPSFVMSNSFTNQVMAQIELWTHPDKYPVGVHFLPKKLDEAVAEAHLGKLN
VKLTKLTEKQAQYLGMSCDGPFKPDHYRY
;
_entity_poly.pdbx_strand_id   A,B
#
loop_
_chem_comp.id
_chem_comp.type
_chem_comp.name
_chem_comp.formula
9W1 non-polymer (4-amino-1,2,5-oxadiazol-3-yl)[(3R)-3-{4-[(3-methoxyphenyl)amino]-6-methylpyridin-2-yl}pyrrolidin-1-yl]methanone 'C20 H22 N6 O3'
EDO non-polymer 1,2-ETHANEDIOL 'C2 H6 O2'
NAD non-polymer NICOTINAMIDE-ADENINE-DINUCLEOTIDE 'C21 H27 N7 O14 P2'
#
# COMPACT_ATOMS: atom_id res chain seq x y z
N LYS A 1 -26.89 -8.78 37.99
CA LYS A 1 -27.83 -8.23 39.03
C LYS A 1 -27.57 -6.75 39.30
N LEU A 2 -26.30 -6.39 39.49
CA LEU A 2 -25.89 -4.98 39.47
C LEU A 2 -26.16 -4.41 38.07
N PRO A 3 -26.84 -3.23 37.98
CA PRO A 3 -27.16 -2.63 36.68
C PRO A 3 -25.96 -2.02 35.96
N TYR A 4 -24.90 -1.74 36.71
CA TYR A 4 -23.60 -1.28 36.20
C TYR A 4 -22.60 -1.34 37.35
N LYS A 5 -21.31 -1.24 37.04
CA LYS A 5 -20.30 -0.98 38.09
C LYS A 5 -19.17 -0.10 37.58
N VAL A 6 -19.13 1.12 38.08
CA VAL A 6 -18.13 2.11 37.70
C VAL A 6 -17.47 2.62 38.96
N ALA A 7 -16.40 3.39 38.79
CA ALA A 7 -15.66 3.96 39.92
C ALA A 7 -16.50 4.99 40.66
N ASP A 8 -16.99 5.98 39.92
CA ASP A 8 -17.68 7.14 40.49
C ASP A 8 -18.69 7.69 39.47
N ILE A 9 -19.99 7.51 39.75
CA ILE A 9 -21.08 7.92 38.82
C ILE A 9 -21.21 9.46 38.79
N GLY A 10 -20.69 10.13 39.81
CA GLY A 10 -20.59 11.60 39.83
C GLY A 10 -19.68 12.23 38.78
N LEU A 11 -18.79 11.45 38.17
CA LEU A 11 -17.95 11.95 37.08
C LEU A 11 -18.69 12.06 35.73
N ALA A 12 -19.98 11.73 35.69
CA ALA A 12 -20.76 11.65 34.45
C ALA A 12 -20.89 12.97 33.67
N ALA A 13 -20.95 14.10 34.37
CA ALA A 13 -21.05 15.42 33.72
C ALA A 13 -19.75 15.78 32.98
N TRP A 14 -18.62 15.50 33.63
CA TRP A 14 -17.29 15.64 33.03
C TRP A 14 -17.12 14.71 31.79
N GLY A 15 -17.60 13.48 31.92
CA GLY A 15 -17.66 12.54 30.78
C GLY A 15 -18.47 13.08 29.61
N ARG A 16 -19.68 13.57 29.90
CA ARG A 16 -20.56 14.12 28.88
C ARG A 16 -19.93 15.32 28.15
N LYS A 17 -19.16 16.14 28.87
CA LYS A 17 -18.43 17.27 28.28
C LYS A 17 -17.37 16.78 27.31
N ALA A 18 -16.58 15.80 27.73
CA ALA A 18 -15.56 15.19 26.88
C ALA A 18 -16.19 14.52 25.65
N LEU A 19 -17.31 13.85 25.87
CA LEU A 19 -18.08 13.26 24.78
C LEU A 19 -18.54 14.28 23.74
N ASP A 20 -19.03 15.43 24.21
CA ASP A 20 -19.45 16.51 23.31
C ASP A 20 -18.31 17.01 22.41
N ILE A 21 -17.09 17.03 22.94
CA ILE A 21 -15.90 17.46 22.20
C ILE A 21 -15.43 16.38 21.22
N ALA A 22 -15.41 15.13 21.68
CA ALA A 22 -14.95 14.01 20.86
C ALA A 22 -15.85 13.75 19.67
N GLU A 23 -17.16 13.88 19.85
CA GLU A 23 -18.12 13.68 18.76
C GLU A 23 -17.79 14.48 17.50
N ASN A 24 -17.35 15.72 17.68
CA ASN A 24 -16.92 16.53 16.54
C ASN A 24 -15.66 16.05 15.81
N GLU A 25 -14.83 15.26 16.48
CA GLU A 25 -13.67 14.63 15.85
C GLU A 25 -13.94 13.16 15.43
N MET A 26 -15.19 12.70 15.57
CA MET A 26 -15.55 11.35 15.18
C MET A 26 -16.74 11.32 14.22
N PRO A 27 -16.62 12.00 13.05
CA PRO A 27 -17.71 12.13 12.07
C PRO A 27 -18.24 10.80 11.52
N GLY A 28 -17.36 9.80 11.41
CA GLY A 28 -17.75 8.47 10.93
C GLY A 28 -18.86 7.86 11.76
N LEU A 29 -18.69 7.92 13.08
CA LEU A 29 -19.72 7.44 14.01
C LEU A 29 -20.97 8.32 13.97
N MET A 30 -20.80 9.63 13.87
CA MET A 30 -21.92 10.57 13.83
C MET A 30 -22.73 10.49 12.52
N ARG A 31 -22.04 10.22 11.41
CA ARG A 31 -22.70 9.89 10.13
C ARG A 31 -23.59 8.65 10.26
N MET A 32 -23.08 7.60 10.93
CA MET A 32 -23.86 6.38 11.16
C MET A 32 -25.15 6.66 11.90
N ARG A 33 -25.08 7.54 12.90
CA ARG A 33 -26.28 7.99 13.64
C ARG A 33 -27.27 8.72 12.74
N GLU A 34 -26.79 9.71 11.99
CA GLU A 34 -27.62 10.44 11.00
C GLU A 34 -28.33 9.52 10.00
N ARG A 35 -27.58 8.56 9.46
CA ARG A 35 -28.11 7.65 8.42
C ARG A 35 -29.07 6.59 8.94
N TYR A 36 -28.85 6.09 10.17
CA TYR A 36 -29.50 4.88 10.66
C TYR A 36 -30.35 4.98 11.92
N SER A 37 -30.48 6.16 12.52
CA SER A 37 -31.25 6.29 13.78
C SER A 37 -32.76 6.09 13.62
N ALA A 38 -33.29 6.26 12.41
CA ALA A 38 -34.73 6.02 12.14
C ALA A 38 -35.01 4.58 11.71
N SER A 39 -34.20 4.05 10.78
CA SER A 39 -34.34 2.68 10.27
C SER A 39 -33.96 1.63 11.30
N LYS A 40 -32.98 1.95 12.15
CA LYS A 40 -32.57 1.12 13.27
C LYS A 40 -32.24 -0.31 12.82
N PRO A 41 -31.15 -0.47 12.04
CA PRO A 41 -30.80 -1.77 11.50
C PRO A 41 -30.28 -2.78 12.53
N LEU A 42 -29.91 -2.32 13.74
CA LEU A 42 -29.51 -3.20 14.83
C LEU A 42 -30.62 -3.51 15.85
N LYS A 43 -31.87 -3.15 15.55
CA LYS A 43 -33.01 -3.53 16.40
C LYS A 43 -33.07 -5.05 16.45
N GLY A 44 -33.17 -5.59 17.66
CA GLY A 44 -33.11 -7.02 17.93
C GLY A 44 -31.78 -7.44 18.50
N ALA A 45 -30.70 -6.79 18.07
CA ALA A 45 -29.35 -7.15 18.53
C ALA A 45 -29.15 -6.89 20.01
N ARG A 46 -28.32 -7.73 20.62
CA ARG A 46 -27.96 -7.68 22.03
C ARG A 46 -26.46 -7.89 22.06
N ILE A 47 -25.75 -6.76 21.99
CA ILE A 47 -24.31 -6.71 21.74
C ILE A 47 -23.57 -6.61 23.07
N ALA A 48 -22.75 -7.63 23.37
CA ALA A 48 -21.80 -7.57 24.47
C ALA A 48 -20.50 -7.03 23.89
N GLY A 49 -19.99 -5.95 24.47
CA GLY A 49 -18.74 -5.32 24.02
C GLY A 49 -17.63 -5.52 25.04
N CYS A 50 -16.40 -5.66 24.55
CA CYS A 50 -15.20 -5.73 25.38
C CYS A 50 -14.08 -4.93 24.70
N LEU A 51 -13.90 -3.69 25.18
CA LEU A 51 -13.03 -2.71 24.54
C LEU A 51 -12.73 -1.57 25.51
N HIS A 52 -11.49 -1.11 25.51
CA HIS A 52 -11.03 0.04 26.31
C HIS A 52 -12.14 1.07 26.49
N MET A 53 -12.62 1.20 27.72
CA MET A 53 -13.77 2.05 28.02
C MET A 53 -13.28 3.50 28.13
N THR A 54 -13.01 4.09 26.97
CA THR A 54 -12.54 5.45 26.83
C THR A 54 -13.69 6.36 26.38
N VAL A 55 -13.41 7.66 26.32
CA VAL A 55 -14.36 8.64 25.78
C VAL A 55 -14.75 8.26 24.34
N GLU A 56 -13.77 7.80 23.57
CA GLU A 56 -13.98 7.44 22.17
C GLU A 56 -14.92 6.24 22.04
N THR A 57 -14.67 5.21 22.84
CA THR A 57 -15.50 4.00 22.84
C THR A 57 -16.92 4.31 23.32
N ALA A 58 -17.07 5.31 24.19
CA ALA A 58 -18.38 5.78 24.62
C ALA A 58 -19.21 6.31 23.45
N VAL A 59 -18.56 6.99 22.50
CA VAL A 59 -19.23 7.47 21.30
C VAL A 59 -19.66 6.28 20.45
N LEU A 60 -18.80 5.26 20.36
CA LEU A 60 -19.15 4.00 19.71
C LEU A 60 -20.37 3.31 20.34
N ILE A 61 -20.38 3.22 21.67
CA ILE A 61 -21.46 2.58 22.41
C ILE A 61 -22.79 3.25 22.11
N GLU A 62 -22.81 4.58 22.26
CA GLU A 62 -24.02 5.36 22.03
C GLU A 62 -24.46 5.42 20.56
N THR A 63 -23.53 5.20 19.63
CA THR A 63 -23.86 5.01 18.23
C THR A 63 -24.64 3.70 18.03
N LEU A 64 -24.16 2.62 18.66
CA LEU A 64 -24.82 1.30 18.56
C LEU A 64 -26.25 1.30 19.11
N VAL A 65 -26.46 1.96 20.25
CA VAL A 65 -27.78 2.09 20.86
C VAL A 65 -28.73 2.90 19.96
N THR A 66 -28.22 4.02 19.44
CA THR A 66 -28.92 4.85 18.45
C THR A 66 -29.40 4.04 17.22
N LEU A 67 -28.60 3.04 16.82
CA LEU A 67 -28.95 2.13 15.73
C LEU A 67 -29.93 0.99 16.10
N GLY A 68 -30.42 0.98 17.35
CA GLY A 68 -31.49 0.07 17.77
C GLY A 68 -31.07 -1.07 18.69
N ALA A 69 -29.76 -1.27 18.86
CA ALA A 69 -29.25 -2.39 19.66
C ALA A 69 -29.34 -2.15 21.16
N GLU A 70 -29.52 -3.25 21.91
CA GLU A 70 -29.25 -3.29 23.34
C GLU A 70 -27.75 -3.56 23.49
N VAL A 71 -27.10 -2.87 24.42
CA VAL A 71 -25.63 -2.94 24.57
C VAL A 71 -25.22 -3.04 26.04
N GLN A 72 -24.30 -3.96 26.31
CA GLN A 72 -23.68 -4.09 27.65
C GLN A 72 -22.16 -4.20 27.46
N TRP A 73 -21.39 -3.50 28.29
CA TRP A 73 -19.97 -3.24 28.01
C TRP A 73 -19.02 -3.53 29.17
N SER A 74 -17.83 -4.03 28.83
CA SER A 74 -16.67 -4.14 29.74
C SER A 74 -15.42 -3.63 29.03
N SER A 75 -14.37 -3.37 29.79
CA SER A 75 -13.06 -2.99 29.20
C SER A 75 -12.25 -4.25 28.82
N CYS A 76 -11.34 -4.11 27.85
CA CYS A 76 -10.44 -5.20 27.43
C CYS A 76 -9.03 -5.07 28.05
N ASN A 77 -8.87 -4.09 28.94
CA ASN A 77 -7.63 -3.87 29.66
C ASN A 77 -7.98 -3.27 31.02
N ILE A 78 -7.18 -3.62 32.03
CA ILE A 78 -7.45 -3.28 33.44
C ILE A 78 -7.11 -1.82 33.82
N PHE A 79 -6.34 -1.10 32.99
CA PHE A 79 -5.99 0.31 33.23
C PHE A 79 -6.48 1.33 32.20
N SER A 80 -7.03 0.88 31.08
CA SER A 80 -7.41 1.79 29.98
C SER A 80 -8.74 2.52 30.17
N THR A 81 -9.53 2.09 31.16
CA THR A 81 -10.81 2.73 31.44
C THR A 81 -10.57 4.16 31.90
N GLN A 82 -11.33 5.08 31.30
CA GLN A 82 -11.38 6.47 31.71
C GLN A 82 -12.70 6.63 32.49
N ASP A 83 -12.59 6.82 33.81
CA ASP A 83 -13.73 6.66 34.72
C ASP A 83 -14.88 7.62 34.41
N HIS A 84 -14.57 8.86 34.10
CA HIS A 84 -15.58 9.82 33.62
C HIS A 84 -16.35 9.36 32.38
N ALA A 85 -15.67 8.68 31.45
CA ALA A 85 -16.34 8.11 30.28
C ALA A 85 -17.31 7.00 30.69
N ALA A 86 -16.83 6.10 31.55
CA ALA A 86 -17.63 5.00 32.10
C ALA A 86 -18.86 5.50 32.88
N ALA A 87 -18.66 6.53 33.70
CA ALA A 87 -19.75 7.17 34.46
C ALA A 87 -20.87 7.68 33.55
N ALA A 88 -20.49 8.34 32.45
CA ALA A 88 -21.47 8.91 31.49
C ALA A 88 -22.31 7.84 30.80
N ILE A 89 -21.69 6.72 30.46
CA ILE A 89 -22.39 5.56 29.88
C ILE A 89 -23.34 4.91 30.91
N ALA A 90 -22.89 4.80 32.16
CA ALA A 90 -23.73 4.29 33.26
C ALA A 90 -24.96 5.18 33.46
N LYS A 91 -24.72 6.48 33.67
CA LYS A 91 -25.80 7.46 33.84
C LYS A 91 -26.82 7.49 32.70
N ALA A 92 -26.37 7.23 31.47
CA ALA A 92 -27.27 7.12 30.32
C ALA A 92 -28.17 5.86 30.33
N GLY A 93 -27.93 4.93 31.25
CA GLY A 93 -28.76 3.73 31.40
C GLY A 93 -28.27 2.56 30.55
N ILE A 94 -26.96 2.47 30.38
CA ILE A 94 -26.33 1.43 29.58
C ILE A 94 -25.46 0.63 30.55
N PRO A 95 -25.69 -0.71 30.65
CA PRO A 95 -24.89 -1.48 31.60
C PRO A 95 -23.39 -1.53 31.25
N VAL A 96 -22.60 -0.83 32.05
CA VAL A 96 -21.16 -0.77 31.88
C VAL A 96 -20.49 -1.25 33.17
N TYR A 97 -19.53 -2.16 33.03
CA TYR A 97 -18.80 -2.73 34.17
C TYR A 97 -17.31 -2.53 33.91
N ALA A 98 -16.79 -1.39 34.36
CA ALA A 98 -15.41 -0.99 34.06
C ALA A 98 -14.94 0.15 34.96
N TRP A 99 -13.70 0.03 35.44
CA TRP A 99 -13.02 1.14 36.12
C TRP A 99 -11.51 1.01 35.95
N LYS A 100 -10.80 2.12 36.13
CA LYS A 100 -9.34 2.14 36.10
C LYS A 100 -8.77 1.43 37.34
N GLY A 101 -7.99 0.38 37.12
CA GLY A 101 -7.28 -0.32 38.20
C GLY A 101 -8.01 -1.55 38.70
N GLU A 102 -8.45 -2.39 37.77
CA GLU A 102 -9.14 -3.64 38.08
C GLU A 102 -8.10 -4.72 38.43
N THR A 103 -8.50 -5.66 39.29
CA THR A 103 -7.74 -6.90 39.50
C THR A 103 -8.10 -7.87 38.36
N ASP A 104 -7.29 -8.92 38.20
CA ASP A 104 -7.58 -9.97 37.22
C ASP A 104 -8.94 -10.64 37.50
N GLU A 105 -9.25 -10.80 38.79
CA GLU A 105 -10.52 -11.41 39.21
C GLU A 105 -11.69 -10.48 38.89
N GLU A 106 -11.55 -9.20 39.24
CA GLU A 106 -12.53 -8.16 38.89
C GLU A 106 -12.72 -7.99 37.37
N TYR A 107 -11.62 -8.11 36.63
CA TYR A 107 -11.62 -8.02 35.17
C TYR A 107 -12.52 -9.08 34.52
N LEU A 108 -12.33 -10.34 34.91
CA LEU A 108 -13.16 -11.45 34.42
C LEU A 108 -14.64 -11.26 34.78
N TRP A 109 -14.90 -10.86 36.03
CA TRP A 109 -16.24 -10.61 36.54
C TRP A 109 -17.00 -9.61 35.67
N CYS A 110 -16.33 -8.49 35.37
CA CYS A 110 -16.88 -7.44 34.52
C CYS A 110 -17.36 -7.97 33.16
N ILE A 111 -16.53 -8.80 32.53
CA ILE A 111 -16.88 -9.39 31.23
C ILE A 111 -18.11 -10.29 31.38
N GLU A 112 -18.13 -11.08 32.44
CA GLU A 112 -19.25 -12.00 32.73
C GLU A 112 -20.59 -11.29 32.93
N GLN A 113 -20.56 -10.05 33.45
CA GLN A 113 -21.78 -9.24 33.64
C GLN A 113 -22.46 -8.78 32.34
N THR A 114 -21.71 -8.79 31.23
CA THR A 114 -22.24 -8.32 29.95
C THR A 114 -23.01 -9.40 29.16
N LEU A 115 -22.90 -10.66 29.58
CA LEU A 115 -23.41 -11.79 28.80
C LEU A 115 -24.94 -11.90 28.78
N TYR A 116 -25.60 -11.59 29.89
CA TYR A 116 -27.06 -11.73 30.02
C TYR A 116 -27.78 -10.39 30.06
N PHE A 117 -28.79 -10.26 29.21
CA PHE A 117 -29.61 -9.05 29.09
C PHE A 117 -30.96 -9.29 29.75
N LYS A 118 -31.73 -8.21 29.88
CA LYS A 118 -33.10 -8.23 30.37
C LYS A 118 -33.93 -9.35 29.70
N ASP A 119 -33.95 -9.36 28.37
CA ASP A 119 -34.76 -10.32 27.59
C ASP A 119 -34.09 -11.68 27.31
N GLY A 120 -32.77 -11.76 27.41
CA GLY A 120 -32.06 -13.02 27.15
C GLY A 120 -30.54 -12.88 27.11
N PRO A 121 -29.84 -13.93 26.61
CA PRO A 121 -28.38 -13.83 26.47
C PRO A 121 -27.97 -12.97 25.28
N LEU A 122 -26.71 -12.55 25.26
CA LEU A 122 -26.13 -11.83 24.11
C LEU A 122 -26.35 -12.57 22.79
N ASN A 123 -26.51 -11.83 21.70
CA ASN A 123 -26.55 -12.43 20.36
C ASN A 123 -25.51 -11.86 19.38
N MET A 124 -24.61 -11.00 19.88
CA MET A 124 -23.52 -10.42 19.08
C MET A 124 -22.31 -10.12 19.97
N ILE A 125 -21.10 -10.35 19.44
CA ILE A 125 -19.85 -10.06 20.15
C ILE A 125 -19.07 -8.96 19.41
N LEU A 126 -18.75 -7.88 20.13
CA LEU A 126 -17.84 -6.84 19.66
C LEU A 126 -16.59 -6.92 20.55
N ASP A 127 -15.44 -7.30 19.95
CA ASP A 127 -14.25 -7.65 20.73
C ASP A 127 -12.99 -6.93 20.26
N ASP A 128 -12.13 -6.60 21.22
CA ASP A 128 -10.79 -6.06 20.97
C ASP A 128 -9.86 -6.87 21.87
N GLY A 129 -9.25 -7.90 21.30
CA GLY A 129 -8.28 -8.76 22.03
C GLY A 129 -8.65 -10.23 22.10
N GLY A 130 -9.91 -10.55 21.82
CA GLY A 130 -10.39 -11.93 21.82
C GLY A 130 -10.82 -12.50 23.16
N ASP A 131 -10.81 -11.69 24.22
CA ASP A 131 -11.11 -12.17 25.58
C ASP A 131 -12.59 -12.55 25.77
N LEU A 132 -13.48 -11.74 25.22
CA LEU A 132 -14.91 -12.03 25.23
C LEU A 132 -15.18 -13.28 24.37
N THR A 133 -14.60 -13.32 23.18
CA THR A 133 -14.70 -14.49 22.30
C THR A 133 -14.14 -15.78 22.97
N ASN A 134 -13.00 -15.68 23.65
CA ASN A 134 -12.41 -16.84 24.36
C ASN A 134 -13.25 -17.27 25.56
N LEU A 135 -13.78 -16.30 26.31
CA LEU A 135 -14.62 -16.60 27.46
C LEU A 135 -15.88 -17.40 27.08
N ILE A 136 -16.59 -16.97 26.03
CA ILE A 136 -17.79 -17.68 25.56
C ILE A 136 -17.47 -19.12 25.10
N HIS A 137 -16.39 -19.31 24.34
CA HIS A 137 -16.09 -20.64 23.78
C HIS A 137 -15.60 -21.66 24.81
N THR A 138 -14.80 -21.20 25.78
CA THR A 138 -14.29 -22.08 26.83
C THR A 138 -15.30 -22.26 27.97
N LYS A 139 -15.83 -21.16 28.50
CA LYS A 139 -16.64 -21.18 29.73
C LYS A 139 -18.16 -21.20 29.51
N TYR A 140 -18.66 -20.56 28.45
CA TYR A 140 -20.11 -20.46 28.20
C TYR A 140 -20.54 -20.95 26.79
N PRO A 141 -20.07 -22.15 26.36
CA PRO A 141 -20.38 -22.65 25.00
C PRO A 141 -21.87 -22.90 24.70
N GLN A 142 -22.70 -22.90 25.75
CA GLN A 142 -24.16 -22.98 25.64
C GLN A 142 -24.78 -21.82 24.86
N LEU A 143 -24.10 -20.67 24.88
CA LEU A 143 -24.61 -19.45 24.27
C LEU A 143 -24.24 -19.30 22.77
N LEU A 144 -23.29 -20.10 22.29
CA LEU A 144 -22.80 -20.02 20.90
C LEU A 144 -23.87 -20.11 19.78
N PRO A 145 -24.79 -21.11 19.85
CA PRO A 145 -25.93 -21.15 18.92
C PRO A 145 -26.76 -19.85 18.81
N GLY A 146 -26.91 -19.13 19.92
CA GLY A 146 -27.67 -17.87 19.96
C GLY A 146 -26.94 -16.61 19.50
N ILE A 147 -25.66 -16.74 19.15
CA ILE A 147 -24.81 -15.62 18.76
C ILE A 147 -24.64 -15.64 17.23
N ARG A 148 -25.14 -14.58 16.59
CA ARG A 148 -25.10 -14.46 15.14
C ARG A 148 -23.71 -14.13 14.59
N GLY A 149 -22.93 -13.32 15.32
CA GLY A 149 -21.62 -12.89 14.83
C GLY A 149 -20.63 -12.26 15.79
N ILE A 150 -19.35 -12.27 15.38
CA ILE A 150 -18.24 -11.63 16.09
C ILE A 150 -17.61 -10.58 15.18
N SER A 151 -17.36 -9.39 15.73
CA SER A 151 -16.47 -8.41 15.08
C SER A 151 -15.21 -8.33 15.95
N GLU A 152 -14.05 -8.29 15.29
CA GLU A 152 -12.75 -8.28 15.96
C GLU A 152 -11.80 -7.31 15.25
N GLU A 153 -11.11 -6.46 16.02
CA GLU A 153 -10.31 -5.38 15.44
C GLU A 153 -8.81 -5.37 15.73
N THR A 154 -8.29 -6.36 16.46
CA THR A 154 -6.86 -6.42 16.83
CA THR A 154 -6.85 -6.36 16.77
C THR A 154 -6.14 -7.58 16.16
N THR A 155 -4.83 -7.43 16.01
CA THR A 155 -3.97 -8.45 15.42
C THR A 155 -4.01 -9.74 16.26
N THR A 156 -3.83 -9.62 17.57
CA THR A 156 -3.90 -10.77 18.50
C THR A 156 -5.22 -11.55 18.37
N GLY A 157 -6.31 -10.81 18.28
CA GLY A 157 -7.65 -11.38 18.25
C GLY A 157 -7.90 -12.10 16.94
N VAL A 158 -7.45 -11.51 15.84
CA VAL A 158 -7.58 -12.14 14.53
C VAL A 158 -6.69 -13.39 14.43
N HIS A 159 -5.44 -13.31 14.89
CA HIS A 159 -4.54 -14.49 14.95
C HIS A 159 -5.16 -15.61 15.78
N ASN A 160 -5.80 -15.22 16.89
CA ASN A 160 -6.52 -16.15 17.77
C ASN A 160 -7.76 -16.80 17.12
N LEU A 161 -8.54 -16.02 16.37
CA LEU A 161 -9.70 -16.55 15.62
C LEU A 161 -9.31 -17.57 14.54
N TYR A 162 -8.17 -17.34 13.87
CA TYR A 162 -7.64 -18.27 12.87
C TYR A 162 -7.19 -19.60 13.46
N LYS A 163 -6.60 -19.57 14.66
CA LYS A 163 -6.21 -20.79 15.39
C LYS A 163 -7.43 -21.57 15.89
N MET A 164 -8.42 -20.87 16.44
CA MET A 164 -9.68 -21.48 16.85
C MET A 164 -10.38 -22.18 15.68
N MET A 165 -10.39 -21.53 14.52
CA MET A 165 -10.97 -22.10 13.29
C MET A 165 -10.17 -23.31 12.78
N ALA A 166 -8.85 -23.19 12.77
CA ALA A 166 -7.95 -24.29 12.40
C ALA A 166 -8.15 -25.55 13.27
N ASN A 167 -8.42 -25.33 14.56
CA ASN A 167 -8.60 -26.41 15.53
C ASN A 167 -10.05 -26.88 15.73
N GLY A 168 -11.00 -26.27 15.02
CA GLY A 168 -12.42 -26.63 15.14
C GLY A 168 -13.17 -26.02 16.33
N ILE A 169 -12.53 -25.13 17.08
CA ILE A 169 -13.12 -24.51 18.28
C ILE A 169 -14.16 -23.42 17.91
N LEU A 170 -13.93 -22.70 16.81
CA LEU A 170 -14.74 -21.53 16.43
C LEU A 170 -16.13 -21.94 15.88
N LYS A 171 -17.19 -21.42 16.50
CA LYS A 171 -18.58 -21.82 16.22
C LYS A 171 -19.48 -20.65 15.74
N VAL A 172 -18.91 -19.47 15.57
CA VAL A 172 -19.67 -18.27 15.19
C VAL A 172 -18.95 -17.59 14.02
N PRO A 173 -19.70 -17.10 13.01
CA PRO A 173 -19.04 -16.32 11.96
C PRO A 173 -18.37 -15.03 12.51
N ALA A 174 -17.15 -14.74 12.05
CA ALA A 174 -16.38 -13.61 12.55
C ALA A 174 -15.94 -12.68 11.41
N ILE A 175 -16.15 -11.38 11.61
CA ILE A 175 -15.61 -10.36 10.70
C ILE A 175 -14.36 -9.72 11.32
N ASN A 176 -13.25 -9.85 10.61
CA ASN A 176 -11.97 -9.21 10.95
C ASN A 176 -11.97 -7.82 10.31
N VAL A 177 -12.01 -6.79 11.15
CA VAL A 177 -11.85 -5.40 10.67
C VAL A 177 -10.44 -4.85 10.86
N ASN A 178 -9.54 -5.64 11.47
CA ASN A 178 -8.15 -5.23 11.69
C ASN A 178 -7.40 -4.91 10.39
N ASP A 179 -7.71 -5.66 9.33
CA ASP A 179 -7.08 -5.53 8.02
C ASP A 179 -7.86 -4.70 6.98
N SER A 180 -8.86 -3.94 7.44
CA SER A 180 -9.47 -2.89 6.61
C SER A 180 -8.42 -1.84 6.37
N VAL A 181 -8.48 -1.22 5.19
CA VAL A 181 -7.53 -0.16 4.87
C VAL A 181 -7.74 1.00 5.85
N THR A 182 -9.01 1.38 6.05
CA THR A 182 -9.34 2.50 6.94
C THR A 182 -8.99 2.23 8.40
N LYS A 183 -9.09 0.98 8.84
CA LYS A 183 -8.71 0.63 10.21
C LYS A 183 -7.20 0.63 10.31
N SER A 184 -6.56 -0.20 9.48
CA SER A 184 -5.10 -0.41 9.55
C SER A 184 -4.30 0.90 9.40
N LYS A 185 -4.60 1.68 8.37
CA LYS A 185 -3.87 2.93 8.11
C LYS A 185 -3.96 3.95 9.25
N PHE A 186 -5.14 4.12 9.84
CA PHE A 186 -5.30 5.06 10.97
C PHE A 186 -4.69 4.54 12.27
N ASP A 187 -4.90 3.26 12.57
CA ASP A 187 -4.34 2.65 13.78
C ASP A 187 -2.80 2.53 13.74
N ASN A 188 -2.25 2.21 12.58
CA ASN A 188 -0.81 1.93 12.45
C ASN A 188 0.03 3.13 11.97
N LEU A 189 -0.38 3.73 10.85
CA LEU A 189 0.40 4.79 10.18
C LEU A 189 0.08 6.21 10.68
N TYR A 190 -1.13 6.69 10.41
CA TYR A 190 -1.49 8.08 10.72
C TYR A 190 -1.47 8.34 12.22
N GLY A 191 -1.99 7.39 12.99
CA GLY A 191 -1.99 7.47 14.46
C GLY A 191 -0.63 7.66 15.09
N CYS A 192 0.30 6.78 14.75
CA CYS A 192 1.65 6.83 15.33
C CYS A 192 2.43 8.01 14.80
N ARG A 193 2.17 8.42 13.56
CA ARG A 193 2.76 9.62 13.00
C ARG A 193 2.43 10.88 13.82
N GLU A 194 1.22 10.95 14.35
CA GLU A 194 0.76 12.09 15.15
C GLU A 194 1.35 12.07 16.56
N SER A 195 1.43 10.88 17.15
CA SER A 195 1.64 10.75 18.59
C SER A 195 3.08 10.44 19.02
N LEU A 196 3.93 9.92 18.12
CA LEU A 196 5.32 9.58 18.48
C LEU A 196 6.03 10.76 19.10
N ILE A 197 6.09 11.86 18.34
CA ILE A 197 6.81 13.04 18.75
C ILE A 197 6.10 13.75 19.91
N ASP A 198 4.78 13.61 19.97
CA ASP A 198 4.02 14.09 21.11
C ASP A 198 4.58 13.47 22.41
N GLY A 199 4.72 12.14 22.41
CA GLY A 199 5.31 11.40 23.52
C GLY A 199 6.74 11.81 23.86
N ILE A 200 7.60 11.89 22.85
CA ILE A 200 9.00 12.27 23.03
C ILE A 200 9.11 13.69 23.60
N LYS A 201 8.27 14.60 23.11
CA LYS A 201 8.26 16.01 23.57
C LYS A 201 7.77 16.19 25.00
N ARG A 202 6.64 15.59 25.34
CA ARG A 202 6.13 15.62 26.71
C ARG A 202 7.11 14.96 27.68
N ALA A 203 7.74 13.87 27.25
CA ALA A 203 8.76 13.19 28.06
C ALA A 203 10.05 13.98 28.28
N THR A 204 10.54 14.65 27.22
CA THR A 204 11.90 15.25 27.22
C THR A 204 12.01 16.74 26.84
N ASP A 205 11.01 17.29 26.15
CA ASP A 205 11.04 18.66 25.59
C ASP A 205 12.24 18.91 24.65
N VAL A 206 12.73 17.86 24.02
CA VAL A 206 14.00 17.92 23.31
C VAL A 206 13.80 18.49 21.89
N MET A 207 14.85 19.15 21.39
CA MET A 207 14.94 19.56 19.99
C MET A 207 15.02 18.31 19.12
N ILE A 208 14.14 18.21 18.13
CA ILE A 208 14.16 17.11 17.15
C ILE A 208 15.04 17.46 15.94
N ALA A 209 14.91 18.68 15.44
CA ALA A 209 15.70 19.14 14.30
C ALA A 209 17.19 18.98 14.58
N GLY A 210 17.92 18.50 13.58
CA GLY A 210 19.37 18.33 13.69
C GLY A 210 19.84 17.05 14.33
N LYS A 211 18.93 16.21 14.79
CA LYS A 211 19.28 14.93 15.39
C LYS A 211 19.16 13.82 14.38
N VAL A 212 19.96 12.77 14.60
CA VAL A 212 19.84 11.50 13.90
C VAL A 212 18.84 10.67 14.69
N ALA A 213 17.81 10.18 14.00
CA ALA A 213 16.78 9.36 14.61
C ALA A 213 16.80 8.01 13.90
N VAL A 214 17.06 6.95 14.66
CA VAL A 214 17.11 5.59 14.11
C VAL A 214 15.76 4.95 14.37
N VAL A 215 15.11 4.51 13.30
CA VAL A 215 13.78 3.89 13.38
C VAL A 215 13.91 2.45 12.91
N ALA A 216 13.77 1.52 13.84
CA ALA A 216 13.82 0.09 13.54
C ALA A 216 12.47 -0.38 13.01
N GLY A 217 12.47 -0.89 11.78
CA GLY A 217 11.25 -1.29 11.08
C GLY A 217 10.69 -0.18 10.19
N TYR A 218 10.22 -0.56 9.01
CA TYR A 218 9.59 0.36 8.04
C TYR A 218 8.29 -0.25 7.49
N GLY A 219 7.53 -0.89 8.36
CA GLY A 219 6.13 -1.19 8.07
C GLY A 219 5.29 0.07 8.22
N ASP A 220 4.00 -0.08 8.46
CA ASP A 220 3.10 1.08 8.57
C ASP A 220 3.43 2.00 9.75
N VAL A 221 3.82 1.41 10.89
CA VAL A 221 4.23 2.21 12.06
C VAL A 221 5.54 2.91 11.80
N GLY A 222 6.55 2.19 11.32
CA GLY A 222 7.84 2.80 10.99
C GLY A 222 7.74 3.93 9.99
N LYS A 223 6.97 3.70 8.92
CA LYS A 223 6.69 4.71 7.88
C LYS A 223 6.21 6.02 8.46
N GLY A 224 5.20 5.95 9.32
CA GLY A 224 4.64 7.14 9.97
C GLY A 224 5.61 7.84 10.91
N CYS A 225 6.32 7.05 11.72
CA CYS A 225 7.33 7.59 12.63
C CYS A 225 8.41 8.32 11.88
N ALA A 226 8.93 7.65 10.85
CA ALA A 226 9.96 8.19 9.98
C ALA A 226 9.55 9.50 9.31
N GLN A 227 8.34 9.51 8.75
CA GLN A 227 7.80 10.73 8.10
C GLN A 227 7.70 11.89 9.10
N ALA A 228 7.15 11.60 10.29
CA ALA A 228 7.02 12.58 11.37
C ALA A 228 8.35 13.22 11.76
N LEU A 229 9.33 12.38 12.07
CA LEU A 229 10.68 12.81 12.47
C LEU A 229 11.37 13.66 11.40
N ARG A 230 11.30 13.17 10.16
CA ARG A 230 11.80 13.87 8.98
C ARG A 230 11.20 15.27 8.79
N GLY A 231 9.88 15.39 9.02
CA GLY A 231 9.19 16.68 8.94
C GLY A 231 9.70 17.74 9.89
N PHE A 232 10.23 17.32 11.04
CA PHE A 232 10.84 18.23 12.03
C PHE A 232 12.31 18.57 11.77
N GLY A 233 12.92 17.95 10.77
CA GLY A 233 14.31 18.23 10.43
C GLY A 233 15.32 17.27 11.05
N ALA A 234 14.85 16.12 11.52
CA ALA A 234 15.76 15.06 11.95
C ALA A 234 16.21 14.28 10.73
N ARG A 235 17.43 13.73 10.80
CA ARG A 235 17.95 12.83 9.77
C ARG A 235 17.65 11.39 10.17
N VAL A 236 16.75 10.74 9.45
CA VAL A 236 16.23 9.44 9.85
C VAL A 236 17.01 8.31 9.18
N ILE A 237 17.41 7.34 9.99
CA ILE A 237 18.03 6.10 9.51
C ILE A 237 17.04 4.98 9.81
N ILE A 238 16.92 4.04 8.86
CA ILE A 238 15.98 2.93 8.96
C ILE A 238 16.76 1.61 9.11
N THR A 239 16.19 0.67 9.85
CA THR A 239 16.67 -0.72 9.81
C THR A 239 15.49 -1.59 9.42
N GLU A 240 15.79 -2.68 8.72
CA GLU A 240 14.78 -3.54 8.16
C GLU A 240 15.33 -4.92 7.83
N ILE A 241 14.46 -5.92 8.01
CA ILE A 241 14.72 -7.29 7.57
C ILE A 241 14.06 -7.61 6.22
N ASP A 242 12.95 -6.96 5.91
CA ASP A 242 12.25 -7.18 4.64
C ASP A 242 12.87 -6.33 3.51
N PRO A 243 13.32 -6.98 2.41
CA PRO A 243 13.94 -6.19 1.34
C PRO A 243 12.97 -5.25 0.60
N ILE A 244 11.67 -5.57 0.57
CA ILE A 244 10.68 -4.71 -0.09
C ILE A 244 10.48 -3.41 0.73
N ASN A 245 10.25 -3.55 2.04
CA ASN A 245 10.17 -2.41 2.94
C ASN A 245 11.47 -1.59 2.95
N ALA A 246 12.62 -2.27 2.95
CA ALA A 246 13.93 -1.60 2.87
C ALA A 246 14.05 -0.76 1.57
N LEU A 247 13.59 -1.36 0.47
CA LEU A 247 13.61 -0.69 -0.83
C LEU A 247 12.75 0.56 -0.81
N GLN A 248 11.56 0.46 -0.23
CA GLN A 248 10.64 1.60 -0.11
C GLN A 248 11.29 2.77 0.62
N ALA A 249 11.97 2.46 1.72
CA ALA A 249 12.68 3.46 2.52
C ALA A 249 13.76 4.15 1.73
N ALA A 250 14.55 3.36 0.99
CA ALA A 250 15.61 3.88 0.13
C ALA A 250 15.10 4.82 -0.95
N MET A 251 13.94 4.49 -1.53
CA MET A 251 13.33 5.34 -2.57
C MET A 251 12.75 6.64 -2.04
N GLU A 252 12.58 6.78 -0.72
CA GLU A 252 12.27 8.07 -0.11
C GLU A 252 13.52 8.82 0.37
N GLY A 253 14.70 8.24 0.18
CA GLY A 253 15.95 8.90 0.52
C GLY A 253 16.40 8.66 1.95
N TYR A 254 15.85 7.63 2.61
CA TYR A 254 16.30 7.27 3.94
C TYR A 254 17.52 6.35 3.82
N GLU A 255 18.55 6.63 4.62
CA GLU A 255 19.64 5.67 4.80
C GLU A 255 19.05 4.43 5.46
N VAL A 256 19.43 3.26 4.95
CA VAL A 256 19.02 1.98 5.52
C VAL A 256 20.25 1.16 5.88
N THR A 257 20.39 0.86 7.17
CA THR A 257 21.47 0.02 7.64
C THR A 257 21.05 -0.76 8.89
N THR A 258 22.00 -1.40 9.56
CA THR A 258 21.70 -2.29 10.68
C THR A 258 21.78 -1.52 11.97
N MET A 259 21.13 -2.05 13.01
CA MET A 259 21.24 -1.47 14.34
C MET A 259 22.67 -1.51 14.88
N ASP A 260 23.42 -2.56 14.53
CA ASP A 260 24.85 -2.71 14.92
C ASP A 260 25.67 -1.51 14.50
N GLU A 261 25.42 -1.02 13.29
CA GLU A 261 26.07 0.19 12.77
C GLU A 261 25.46 1.46 13.37
N ALA A 262 24.13 1.55 13.34
CA ALA A 262 23.40 2.77 13.67
C ALA A 262 23.38 3.14 15.16
N CYS A 263 23.60 2.14 16.03
CA CYS A 263 23.65 2.41 17.48
C CYS A 263 24.73 3.44 17.86
N GLN A 264 25.80 3.50 17.05
CA GLN A 264 26.89 4.46 17.25
C GLN A 264 26.56 5.90 16.78
N GLU A 265 25.54 6.06 15.94
CA GLU A 265 25.21 7.36 15.32
C GLU A 265 23.95 8.04 15.87
N GLY A 266 23.00 7.27 16.40
CA GLY A 266 21.69 7.79 16.75
C GLY A 266 21.64 8.64 18.01
N ASN A 267 20.93 9.76 17.91
CA ASN A 267 20.55 10.57 19.07
C ASN A 267 19.22 10.10 19.67
N ILE A 268 18.35 9.56 18.81
CA ILE A 268 17.02 9.07 19.19
C ILE A 268 16.80 7.70 18.54
N PHE A 269 16.21 6.78 19.27
CA PHE A 269 15.97 5.42 18.79
C PHE A 269 14.52 5.05 18.99
N VAL A 270 13.87 4.56 17.92
CA VAL A 270 12.46 4.19 17.96
C VAL A 270 12.29 2.81 17.35
N THR A 271 11.74 1.90 18.13
CA THR A 271 11.53 0.53 17.69
C THR A 271 10.07 0.38 17.30
N THR A 272 9.84 -0.17 16.11
CA THR A 272 8.48 -0.30 15.53
C THR A 272 8.27 -1.68 14.88
N THR A 273 9.04 -2.67 15.30
CA THR A 273 9.22 -3.91 14.52
C THR A 273 8.18 -5.02 14.78
N GLY A 274 7.58 -5.03 15.96
CA GLY A 274 6.80 -6.18 16.40
C GLY A 274 7.63 -7.39 16.84
N CYS A 275 8.94 -7.21 16.96
CA CYS A 275 9.87 -8.33 17.15
C CYS A 275 10.75 -8.14 18.39
N ILE A 276 11.19 -9.25 18.97
CA ILE A 276 12.14 -9.25 20.10
C ILE A 276 13.55 -8.84 19.71
N ASP A 277 14.30 -8.36 20.69
CA ASP A 277 15.76 -8.16 20.60
C ASP A 277 16.22 -7.17 19.53
N ILE A 278 15.59 -6.01 19.51
CA ILE A 278 15.93 -4.96 18.56
C ILE A 278 17.06 -4.10 19.12
N ILE A 279 16.86 -3.58 20.33
CA ILE A 279 17.89 -2.84 21.04
C ILE A 279 18.31 -3.62 22.28
N LEU A 280 19.62 -3.80 22.41
CA LEU A 280 20.24 -4.78 23.28
C LEU A 280 21.43 -4.10 23.96
N GLY A 281 21.93 -4.71 25.04
CA GLY A 281 23.06 -4.21 25.79
C GLY A 281 24.26 -3.75 24.97
N ARG A 282 24.66 -4.57 24.00
CA ARG A 282 25.80 -4.24 23.13
C ARG A 282 25.54 -3.02 22.24
N HIS A 283 24.27 -2.75 21.92
CA HIS A 283 23.88 -1.48 21.29
C HIS A 283 23.94 -0.31 22.28
N PHE A 284 23.39 -0.50 23.48
CA PHE A 284 23.41 0.55 24.52
C PHE A 284 24.83 1.03 24.83
N GLU A 285 25.76 0.09 24.99
CA GLU A 285 27.18 0.40 25.25
C GLU A 285 27.85 1.32 24.22
N GLN A 286 27.36 1.31 22.98
CA GLN A 286 27.89 2.18 21.90
C GLN A 286 27.20 3.53 21.74
N MET A 287 26.09 3.75 22.42
CA MET A 287 25.27 4.94 22.21
C MET A 287 25.90 6.23 22.70
N LYS A 288 25.58 7.31 21.99
CA LYS A 288 25.98 8.65 22.39
C LYS A 288 25.32 9.00 23.72
N ASP A 289 25.94 9.94 24.42
CA ASP A 289 25.52 10.34 25.76
C ASP A 289 24.12 10.97 25.69
N ASP A 290 23.23 10.52 26.57
CA ASP A 290 21.80 10.94 26.60
C ASP A 290 21.01 10.59 25.34
N ALA A 291 21.33 9.46 24.73
CA ALA A 291 20.50 8.97 23.65
C ALA A 291 19.11 8.66 24.22
N ILE A 292 18.07 9.02 23.46
CA ILE A 292 16.67 8.78 23.85
C ILE A 292 16.26 7.48 23.15
N VAL A 293 15.76 6.53 23.93
CA VAL A 293 15.40 5.20 23.44
C VAL A 293 13.94 4.93 23.84
N CYS A 294 13.12 4.64 22.85
CA CYS A 294 11.70 4.37 23.09
C CYS A 294 11.17 3.36 22.11
N ASN A 295 9.97 2.87 22.41
CA ASN A 295 9.31 1.82 21.65
C ASN A 295 7.88 2.24 21.36
N ILE A 296 7.46 2.07 20.11
CA ILE A 296 6.07 2.34 19.73
C ILE A 296 5.45 1.13 18.99
N GLY A 297 6.16 0.00 19.00
CA GLY A 297 5.76 -1.17 18.25
C GLY A 297 5.08 -2.17 19.17
N HIS A 298 5.81 -3.23 19.50
CA HIS A 298 5.27 -4.32 20.28
C HIS A 298 5.36 -4.02 21.76
N PHE A 299 4.22 -4.18 22.42
CA PHE A 299 4.05 -3.98 23.85
C PHE A 299 5.28 -3.65 24.69
N ASP A 300 6.16 -4.62 24.99
CA ASP A 300 7.35 -4.32 25.78
C ASP A 300 8.57 -5.25 25.55
N VAL A 301 8.64 -5.87 24.38
CA VAL A 301 9.61 -6.92 24.13
C VAL A 301 10.76 -6.55 23.16
N GLU A 302 10.72 -5.35 22.59
CA GLU A 302 11.67 -4.93 21.55
C GLU A 302 13.00 -4.46 22.12
N ILE A 303 12.96 -3.81 23.29
CA ILE A 303 14.14 -3.28 23.96
C ILE A 303 14.46 -4.14 25.18
N ASP A 304 15.75 -4.45 25.37
CA ASP A 304 16.21 -5.21 26.52
C ASP A 304 16.39 -4.28 27.72
N VAL A 305 15.26 -3.91 28.32
CA VAL A 305 15.23 -3.02 29.47
C VAL A 305 15.85 -3.70 30.70
N LYS A 306 15.64 -5.01 30.82
CA LYS A 306 16.23 -5.77 31.91
C LYS A 306 17.76 -5.64 31.95
N TRP A 307 18.39 -5.54 30.77
CA TRP A 307 19.84 -5.29 30.70
C TRP A 307 20.23 -3.97 31.39
N LEU A 308 19.49 -2.90 31.10
CA LEU A 308 19.73 -1.57 31.71
C LEU A 308 19.60 -1.60 33.24
N ASN A 309 18.59 -2.30 33.73
CA ASN A 309 18.37 -2.43 35.17
C ASN A 309 19.49 -3.22 35.85
N GLU A 310 19.99 -4.25 35.17
CA GLU A 310 21.01 -5.15 35.70
C GLU A 310 22.45 -4.65 35.56
N ASN A 311 22.74 -3.80 34.57
CA ASN A 311 24.11 -3.37 34.27
C ASN A 311 24.41 -1.87 34.47
N ALA A 312 23.40 -1.03 34.56
CA ALA A 312 23.64 0.40 34.76
C ALA A 312 24.11 0.67 36.19
N VAL A 313 24.90 1.71 36.36
CA VAL A 313 25.37 2.14 37.69
C VAL A 313 24.46 3.16 38.37
N GLU A 314 23.65 3.89 37.59
CA GLU A 314 22.61 4.78 38.13
C GLU A 314 21.30 4.63 37.38
N LYS A 315 20.19 4.77 38.10
CA LYS A 315 18.87 4.91 37.50
C LYS A 315 18.14 6.01 38.23
N VAL A 316 17.84 7.08 37.51
CA VAL A 316 17.15 8.24 38.05
C VAL A 316 15.86 8.50 37.28
N ASN A 317 14.74 8.45 37.98
CA ASN A 317 13.45 8.86 37.41
C ASN A 317 13.45 10.37 37.20
N ILE A 318 13.16 10.83 35.99
CA ILE A 318 13.08 12.25 35.68
C ILE A 318 11.68 12.77 35.99
N LYS A 319 10.70 12.04 35.49
CA LYS A 319 9.28 12.32 35.68
C LYS A 319 8.58 10.98 35.42
N PRO A 320 7.25 10.93 35.58
CA PRO A 320 6.55 9.68 35.23
C PRO A 320 6.87 9.19 33.82
N GLN A 321 7.22 7.90 33.72
CA GLN A 321 7.53 7.22 32.45
C GLN A 321 8.78 7.75 31.72
N VAL A 322 9.72 8.35 32.47
CA VAL A 322 11.00 8.82 31.92
C VAL A 322 12.12 8.49 32.93
N ASP A 323 12.98 7.55 32.57
CA ASP A 323 14.09 7.14 33.43
C ASP A 323 15.42 7.34 32.70
N ARG A 324 16.42 7.81 33.43
CA ARG A 324 17.75 8.12 32.90
C ARG A 324 18.78 7.24 33.58
N TYR A 325 19.34 6.31 32.81
CA TYR A 325 20.35 5.37 33.32
C TYR A 325 21.74 5.89 33.03
N ARG A 326 22.68 5.68 33.95
CA ARG A 326 24.11 5.89 33.69
C ARG A 326 24.77 4.52 33.57
N LEU A 327 25.57 4.33 32.51
CA LEU A 327 26.27 3.05 32.29
C LEU A 327 27.68 3.07 32.87
N LYS A 328 28.31 1.90 32.91
CA LYS A 328 29.69 1.75 33.40
C LYS A 328 30.71 2.51 32.56
N ASN A 329 30.42 2.74 31.28
CA ASN A 329 31.25 3.63 30.45
C ASN A 329 31.09 5.12 30.79
N GLY A 330 30.14 5.46 31.66
CA GLY A 330 29.95 6.81 32.14
C GLY A 330 28.94 7.65 31.36
N ARG A 331 28.32 7.04 30.35
CA ARG A 331 27.31 7.73 29.54
C ARG A 331 25.90 7.34 29.94
N ARG A 332 24.97 8.22 29.57
CA ARG A 332 23.58 8.14 29.99
C ARG A 332 22.64 7.69 28.86
N ILE A 333 21.65 6.88 29.21
CA ILE A 333 20.55 6.52 28.31
C ILE A 333 19.24 7.05 28.92
N ILE A 334 18.46 7.81 28.14
CA ILE A 334 17.11 8.22 28.55
C ILE A 334 16.09 7.26 27.96
N LEU A 335 15.45 6.48 28.83
CA LEU A 335 14.52 5.45 28.40
C LEU A 335 13.10 5.92 28.67
N LEU A 336 12.25 5.84 27.65
CA LEU A 336 10.88 6.33 27.76
C LEU A 336 9.92 5.17 27.99
N ALA A 337 8.89 5.45 28.79
CA ALA A 337 7.80 4.53 29.11
C ALA A 337 8.23 3.10 29.51
N GLU A 338 9.39 2.99 30.16
CA GLU A 338 9.93 1.70 30.61
C GLU A 338 10.04 0.67 29.48
N GLY A 339 10.26 1.15 28.25
CA GLY A 339 10.31 0.30 27.06
C GLY A 339 8.97 -0.17 26.53
N ARG A 340 7.87 0.33 27.10
CA ARG A 340 6.54 0.05 26.60
C ARG A 340 6.14 1.13 25.57
N LEU A 341 4.86 1.23 25.23
CA LEU A 341 4.44 2.10 24.14
C LEU A 341 4.54 3.55 24.57
N VAL A 342 5.43 4.29 23.89
CA VAL A 342 5.71 5.69 24.18
C VAL A 342 4.49 6.57 24.00
N ASN A 343 3.66 6.25 23.01
CA ASN A 343 2.43 7.00 22.73
C ASN A 343 1.34 6.83 23.82
N LEU A 344 1.35 5.71 24.54
CA LEU A 344 0.45 5.50 25.68
C LEU A 344 1.04 5.95 27.01
N GLY A 345 2.35 5.75 27.18
CA GLY A 345 3.04 6.11 28.41
C GLY A 345 3.30 7.59 28.59
N CYS A 346 3.70 8.25 27.51
CA CYS A 346 4.11 9.67 27.53
C CYS A 346 3.20 10.61 26.76
N ALA A 347 2.14 10.12 26.14
CA ALA A 347 1.15 10.98 25.50
C ALA A 347 -0.25 10.37 25.72
N MET A 348 -1.24 10.78 24.94
CA MET A 348 -2.61 10.34 25.16
C MET A 348 -3.12 9.27 24.18
N GLY A 349 -2.20 8.50 23.60
CA GLY A 349 -2.56 7.47 22.63
C GLY A 349 -2.95 8.06 21.28
N HIS A 350 -3.91 7.42 20.62
CA HIS A 350 -4.36 7.85 19.28
C HIS A 350 -5.32 9.02 19.38
N PRO A 351 -5.26 9.97 18.43
CA PRO A 351 -6.30 11.01 18.39
C PRO A 351 -7.69 10.44 18.12
N SER A 352 -8.71 11.14 18.58
CA SER A 352 -10.10 10.74 18.38
C SER A 352 -10.45 10.37 16.92
N PHE A 353 -9.97 11.18 15.97
CA PHE A 353 -10.23 10.92 14.55
C PHE A 353 -9.77 9.54 14.09
N VAL A 354 -8.65 9.07 14.63
CA VAL A 354 -8.17 7.71 14.38
C VAL A 354 -9.18 6.68 14.86
N MET A 355 -9.61 6.82 16.11
CA MET A 355 -10.57 5.89 16.70
C MET A 355 -11.91 5.89 15.94
N SER A 356 -12.27 7.05 15.37
CA SER A 356 -13.48 7.15 14.56
C SER A 356 -13.48 6.16 13.39
N ASN A 357 -12.34 6.02 12.71
CA ASN A 357 -12.22 5.09 11.60
C ASN A 357 -12.31 3.62 12.06
N SER A 358 -11.60 3.28 13.14
CA SER A 358 -11.62 1.92 13.68
C SER A 358 -13.00 1.51 14.17
N PHE A 359 -13.65 2.37 14.94
CA PHE A 359 -14.96 2.06 15.50
C PHE A 359 -16.09 2.12 14.46
N THR A 360 -15.96 2.99 13.45
CA THR A 360 -16.92 3.02 12.34
C THR A 360 -16.81 1.71 11.52
N ASN A 361 -15.60 1.17 11.41
CA ASN A 361 -15.39 -0.19 10.89
C ASN A 361 -16.20 -1.26 11.64
N GLN A 362 -16.21 -1.18 12.97
CA GLN A 362 -16.93 -2.15 13.79
C GLN A 362 -18.44 -2.01 13.79
N VAL A 363 -18.94 -0.79 13.72
CA VAL A 363 -20.37 -0.55 13.49
C VAL A 363 -20.80 -1.20 12.16
N MET A 364 -19.96 -1.10 11.12
CA MET A 364 -20.25 -1.71 9.82
C MET A 364 -20.31 -3.24 9.92
N ALA A 365 -19.38 -3.81 10.67
CA ALA A 365 -19.30 -5.26 10.88
C ALA A 365 -20.54 -5.80 11.58
N GLN A 366 -20.93 -5.12 12.66
CA GLN A 366 -22.12 -5.45 13.45
C GLN A 366 -23.41 -5.45 12.63
N ILE A 367 -23.60 -4.39 11.84
CA ILE A 367 -24.77 -4.30 10.95
C ILE A 367 -24.73 -5.44 9.93
N GLU A 368 -23.57 -5.63 9.30
CA GLU A 368 -23.41 -6.63 8.23
C GLU A 368 -23.76 -8.07 8.69
N LEU A 369 -23.24 -8.48 9.84
CA LEU A 369 -23.53 -9.81 10.40
C LEU A 369 -24.98 -9.96 10.89
N TRP A 370 -25.46 -8.96 11.63
CA TRP A 370 -26.82 -8.95 12.15
C TRP A 370 -27.90 -8.85 11.06
N THR A 371 -27.68 -7.99 10.06
CA THR A 371 -28.64 -7.77 8.96
C THR A 371 -28.68 -8.94 7.95
N HIS A 372 -27.62 -9.75 7.90
CA HIS A 372 -27.53 -10.87 6.95
C HIS A 372 -27.30 -12.22 7.67
N PRO A 373 -28.35 -12.78 8.30
CA PRO A 373 -28.28 -13.99 9.13
C PRO A 373 -27.52 -15.16 8.55
N ASP A 374 -27.84 -15.50 7.30
CA ASP A 374 -27.32 -16.71 6.64
C ASP A 374 -26.18 -16.43 5.64
N LYS A 375 -25.75 -15.17 5.51
CA LYS A 375 -24.75 -14.80 4.49
C LYS A 375 -23.33 -15.33 4.78
N TYR A 376 -22.93 -15.32 6.05
CA TYR A 376 -21.55 -15.69 6.44
C TYR A 376 -21.51 -17.03 7.16
N PRO A 377 -20.82 -18.04 6.57
CA PRO A 377 -20.60 -19.28 7.30
C PRO A 377 -19.56 -19.10 8.42
N VAL A 378 -19.47 -20.10 9.30
CA VAL A 378 -18.53 -20.08 10.42
C VAL A 378 -17.10 -19.98 9.88
N GLY A 379 -16.33 -19.03 10.42
CA GLY A 379 -14.99 -18.71 9.90
C GLY A 379 -14.65 -17.24 10.06
N VAL A 380 -13.43 -16.89 9.64
CA VAL A 380 -12.92 -15.53 9.74
C VAL A 380 -13.00 -14.89 8.35
N HIS A 381 -13.77 -13.82 8.23
CA HIS A 381 -13.97 -13.13 6.96
C HIS A 381 -13.44 -11.71 7.04
N PHE A 382 -12.83 -11.24 5.97
CA PHE A 382 -12.47 -9.83 5.83
C PHE A 382 -13.75 -9.01 5.65
N LEU A 383 -13.76 -7.80 6.21
CA LEU A 383 -14.85 -6.86 5.97
C LEU A 383 -14.87 -6.53 4.49
N PRO A 384 -16.04 -6.67 3.82
CA PRO A 384 -16.07 -6.36 2.38
C PRO A 384 -15.66 -4.92 2.05
N LYS A 385 -14.98 -4.76 0.92
CA LYS A 385 -14.41 -3.50 0.47
C LYS A 385 -15.43 -2.36 0.44
N LYS A 386 -16.65 -2.66 0.01
CA LYS A 386 -17.68 -1.63 -0.09
C LYS A 386 -17.98 -0.98 1.27
N LEU A 387 -17.88 -1.74 2.36
CA LEU A 387 -18.05 -1.20 3.72
C LEU A 387 -16.81 -0.44 4.18
N ASP A 388 -15.63 -0.96 3.85
CA ASP A 388 -14.38 -0.24 4.09
C ASP A 388 -14.40 1.12 3.37
N GLU A 389 -14.90 1.14 2.13
CA GLU A 389 -15.10 2.38 1.36
C GLU A 389 -16.10 3.32 2.03
N ALA A 390 -17.20 2.77 2.53
CA ALA A 390 -18.23 3.57 3.23
C ALA A 390 -17.68 4.22 4.51
N VAL A 391 -16.76 3.53 5.20
CA VAL A 391 -16.07 4.12 6.36
C VAL A 391 -15.31 5.37 5.93
N ALA A 392 -14.51 5.26 4.87
CA ALA A 392 -13.74 6.41 4.37
C ALA A 392 -14.65 7.56 3.95
N GLU A 393 -15.68 7.24 3.17
CA GLU A 393 -16.67 8.20 2.69
C GLU A 393 -17.36 8.97 3.83
N ALA A 394 -17.65 8.28 4.94
CA ALA A 394 -18.25 8.91 6.13
C ALA A 394 -17.40 10.01 6.77
N HIS A 395 -16.08 9.98 6.56
CA HIS A 395 -15.18 11.00 7.09
C HIS A 395 -14.86 12.17 6.15
N LEU A 396 -15.23 12.05 4.87
CA LEU A 396 -14.78 13.03 3.85
C LEU A 396 -15.30 14.44 4.06
N GLY A 397 -16.55 14.55 4.52
CA GLY A 397 -17.15 15.84 4.83
C GLY A 397 -16.32 16.63 5.83
N LYS A 398 -15.92 15.96 6.92
CA LYS A 398 -15.06 16.54 7.94
C LYS A 398 -13.68 16.93 7.38
N LEU A 399 -13.15 16.11 6.48
CA LEU A 399 -11.87 16.39 5.81
C LEU A 399 -11.95 17.47 4.71
N ASN A 400 -13.12 18.09 4.53
CA ASN A 400 -13.38 19.11 3.51
C ASN A 400 -13.14 18.59 2.08
N VAL A 401 -13.57 17.36 1.83
CA VAL A 401 -13.36 16.69 0.54
C VAL A 401 -14.68 16.59 -0.24
N LYS A 402 -14.63 16.98 -1.51
CA LYS A 402 -15.73 16.75 -2.44
C LYS A 402 -15.36 15.59 -3.34
N LEU A 403 -15.99 14.45 -3.12
CA LEU A 403 -15.75 13.25 -3.91
C LEU A 403 -16.49 13.33 -5.25
N THR A 404 -15.85 12.85 -6.33
CA THR A 404 -16.46 12.81 -7.67
C THR A 404 -17.30 11.52 -7.79
N LYS A 405 -18.43 11.63 -8.49
CA LYS A 405 -19.26 10.46 -8.81
C LYS A 405 -19.06 10.08 -10.28
N LEU A 406 -18.74 8.81 -10.52
CA LEU A 406 -18.65 8.31 -11.90
C LEU A 406 -19.99 8.47 -12.62
N THR A 407 -19.94 8.91 -13.87
CA THR A 407 -21.12 8.88 -14.74
C THR A 407 -21.37 7.42 -15.11
N GLU A 408 -22.61 7.11 -15.47
CA GLU A 408 -22.98 5.76 -15.90
C GLU A 408 -22.08 5.25 -17.03
N LYS A 409 -21.79 6.10 -17.99
CA LYS A 409 -20.89 5.80 -19.11
C LYS A 409 -19.47 5.45 -18.65
N GLN A 410 -18.92 6.27 -17.75
CA GLN A 410 -17.60 6.03 -17.14
C GLN A 410 -17.53 4.71 -16.38
N ALA A 411 -18.57 4.42 -15.61
CA ALA A 411 -18.67 3.18 -14.84
C ALA A 411 -18.72 1.94 -15.76
N GLN A 412 -19.48 2.05 -16.85
CA GLN A 412 -19.55 1.01 -17.88
C GLN A 412 -18.19 0.73 -18.50
N TYR A 413 -17.49 1.81 -18.88
CA TYR A 413 -16.15 1.72 -19.46
C TYR A 413 -15.14 1.03 -18.53
N LEU A 414 -15.23 1.34 -17.24
CA LEU A 414 -14.39 0.73 -16.22
C LEU A 414 -14.85 -0.67 -15.82
N GLY A 415 -16.12 -0.98 -16.06
CA GLY A 415 -16.67 -2.28 -15.73
C GLY A 415 -16.90 -2.44 -14.24
N MET A 416 -17.25 -1.35 -13.57
CA MET A 416 -17.55 -1.36 -12.14
C MET A 416 -18.87 -0.63 -11.91
N SER A 417 -19.44 -0.83 -10.73
CA SER A 417 -20.64 -0.10 -10.32
C SER A 417 -20.24 1.32 -9.93
N CYS A 418 -21.11 2.30 -10.21
CA CYS A 418 -20.86 3.67 -9.81
C CYS A 418 -20.96 3.89 -8.28
N ASP A 419 -21.53 2.92 -7.55
CA ASP A 419 -21.49 2.91 -6.07
C ASP A 419 -20.37 2.07 -5.45
N GLY A 420 -19.54 1.44 -6.29
CA GLY A 420 -18.41 0.64 -5.83
C GLY A 420 -18.79 -0.83 -5.66
N PRO A 421 -17.83 -1.69 -5.26
CA PRO A 421 -16.46 -1.28 -4.93
C PRO A 421 -15.67 -0.85 -6.16
N PHE A 422 -14.63 -0.06 -5.91
CA PHE A 422 -13.85 0.56 -6.97
C PHE A 422 -12.52 -0.13 -7.24
N LYS A 423 -12.06 -0.99 -6.33
CA LYS A 423 -10.79 -1.69 -6.48
C LYS A 423 -10.98 -3.20 -6.30
N PRO A 424 -10.09 -4.01 -6.89
CA PRO A 424 -10.11 -5.45 -6.60
C PRO A 424 -9.53 -5.75 -5.22
N ASP A 425 -9.80 -6.96 -4.72
CA ASP A 425 -9.40 -7.36 -3.36
C ASP A 425 -7.88 -7.31 -3.09
N HIS A 426 -7.07 -7.55 -4.12
CA HIS A 426 -5.60 -7.50 -4.00
C HIS A 426 -4.98 -6.08 -4.09
N TYR A 427 -5.81 -5.05 -4.26
CA TYR A 427 -5.32 -3.67 -4.42
C TYR A 427 -4.70 -3.17 -3.11
N ARG A 428 -3.53 -2.56 -3.20
CA ARG A 428 -2.73 -2.23 -2.01
C ARG A 428 -2.81 -0.78 -1.53
N TYR A 429 -3.36 0.11 -2.36
CA TYR A 429 -3.46 1.55 -2.03
C TYR A 429 -2.08 2.14 -1.75
N LYS B 1 14.28 -17.46 -41.53
CA LYS B 1 15.16 -17.56 -42.74
C LYS B 1 16.16 -16.40 -42.77
N LEU B 2 15.62 -15.18 -42.70
CA LEU B 2 16.42 -13.97 -42.56
C LEU B 2 16.94 -13.97 -41.10
N PRO B 3 18.26 -13.71 -40.89
CA PRO B 3 18.88 -13.90 -39.55
C PRO B 3 18.48 -12.86 -38.50
N TYR B 4 18.06 -11.69 -38.95
CA TYR B 4 17.49 -10.64 -38.12
C TYR B 4 16.88 -9.60 -39.08
N LYS B 5 16.27 -8.54 -38.55
CA LYS B 5 15.88 -7.40 -39.39
C LYS B 5 15.81 -6.10 -38.58
N VAL B 6 16.74 -5.19 -38.87
CA VAL B 6 16.85 -3.91 -38.19
C VAL B 6 16.96 -2.80 -39.22
N ALA B 7 16.76 -1.56 -38.78
CA ALA B 7 16.83 -0.37 -39.66
C ALA B 7 18.23 -0.14 -40.24
N ASP B 8 19.25 -0.31 -39.41
CA ASP B 8 20.62 0.02 -39.77
C ASP B 8 21.56 -0.56 -38.71
N ILE B 9 22.23 -1.67 -39.05
CA ILE B 9 23.15 -2.34 -38.12
C ILE B 9 24.46 -1.56 -37.84
N GLY B 10 24.73 -0.50 -38.61
CA GLY B 10 25.79 0.46 -38.31
C GLY B 10 25.65 1.19 -36.97
N LEU B 11 24.44 1.20 -36.41
CA LEU B 11 24.18 1.78 -35.08
C LEU B 11 24.56 0.88 -33.87
N ALA B 12 25.25 -0.26 -34.11
CA ALA B 12 25.58 -1.23 -33.05
C ALA B 12 26.63 -0.74 -32.03
N ALA B 13 27.62 0.03 -32.47
CA ALA B 13 28.57 0.67 -31.56
C ALA B 13 27.88 1.70 -30.65
N TRP B 14 26.86 2.38 -31.20
CA TRP B 14 26.04 3.32 -30.43
C TRP B 14 25.16 2.58 -29.42
N GLY B 15 24.52 1.49 -29.86
CA GLY B 15 23.73 0.63 -28.98
C GLY B 15 24.54 0.05 -27.85
N ARG B 16 25.69 -0.49 -28.18
CA ARG B 16 26.59 -1.10 -27.21
C ARG B 16 27.01 -0.11 -26.11
N LYS B 17 27.35 1.10 -26.52
CA LYS B 17 27.68 2.19 -25.60
C LYS B 17 26.53 2.49 -24.62
N ALA B 18 25.30 2.51 -25.14
CA ALA B 18 24.09 2.75 -24.33
C ALA B 18 23.80 1.60 -23.36
N LEU B 19 23.99 0.38 -23.84
CA LEU B 19 23.90 -0.83 -23.02
C LEU B 19 24.83 -0.81 -21.81
N ASP B 20 26.09 -0.45 -22.05
CA ASP B 20 27.07 -0.42 -20.97
C ASP B 20 26.65 0.54 -19.85
N ILE B 21 26.14 1.72 -20.25
CA ILE B 21 25.62 2.70 -19.29
C ILE B 21 24.41 2.14 -18.53
N ALA B 22 23.45 1.58 -19.26
CA ALA B 22 22.24 1.01 -18.69
C ALA B 22 22.49 -0.12 -17.68
N GLU B 23 23.43 -1.01 -17.98
CA GLU B 23 23.80 -2.13 -17.09
C GLU B 23 24.05 -1.70 -15.65
N ASN B 24 24.78 -0.59 -15.49
CA ASN B 24 25.07 -0.03 -14.17
C ASN B 24 23.85 0.50 -13.43
N GLU B 25 22.77 0.80 -14.15
CA GLU B 25 21.49 1.22 -13.55
C GLU B 25 20.48 0.08 -13.44
N MET B 26 20.88 -1.13 -13.84
CA MET B 26 19.99 -2.27 -13.80
C MET B 26 20.58 -3.41 -12.98
N PRO B 27 20.87 -3.14 -11.68
CA PRO B 27 21.57 -4.10 -10.82
C PRO B 27 20.80 -5.39 -10.57
N GLY B 28 19.47 -5.33 -10.65
CA GLY B 28 18.63 -6.52 -10.55
C GLY B 28 18.98 -7.56 -11.59
N LEU B 29 19.06 -7.13 -12.84
CA LEU B 29 19.43 -8.00 -13.95
C LEU B 29 20.91 -8.44 -13.91
N MET B 30 21.80 -7.53 -13.51
CA MET B 30 23.23 -7.85 -13.40
C MET B 30 23.52 -8.79 -12.22
N ARG B 31 22.75 -8.64 -11.14
CA ARG B 31 22.80 -9.56 -10.01
C ARG B 31 22.37 -10.98 -10.42
N MET B 32 21.35 -11.08 -11.29
CA MET B 32 20.94 -12.37 -11.86
C MET B 32 22.07 -13.01 -12.67
N ARG B 33 22.74 -12.20 -13.49
CA ARG B 33 23.92 -12.66 -14.26
C ARG B 33 25.04 -13.17 -13.36
N GLU B 34 25.31 -12.47 -12.26
CA GLU B 34 26.33 -12.89 -11.30
C GLU B 34 25.97 -14.20 -10.59
N ARG B 35 24.73 -14.28 -10.12
CA ARG B 35 24.25 -15.43 -9.35
C ARG B 35 24.06 -16.71 -10.18
N TYR B 36 23.71 -16.57 -11.47
CA TYR B 36 23.22 -17.71 -12.27
C TYR B 36 23.99 -18.09 -13.55
N SER B 37 25.05 -17.37 -13.92
CA SER B 37 25.78 -17.71 -15.15
C SER B 37 26.60 -19.01 -15.05
N ALA B 38 26.98 -19.42 -13.84
CA ALA B 38 27.67 -20.70 -13.64
C ALA B 38 26.73 -21.91 -13.76
N SER B 39 25.52 -21.78 -13.21
CA SER B 39 24.53 -22.87 -13.19
C SER B 39 23.60 -22.93 -14.42
N LYS B 40 23.61 -21.89 -15.26
CA LYS B 40 22.83 -21.81 -16.51
C LYS B 40 21.39 -22.39 -16.36
N PRO B 41 20.58 -21.79 -15.47
CA PRO B 41 19.25 -22.33 -15.13
C PRO B 41 18.23 -22.31 -16.27
N LEU B 42 18.45 -21.47 -17.28
CA LEU B 42 17.63 -21.45 -18.48
C LEU B 42 18.31 -22.14 -19.69
N LYS B 43 19.15 -23.14 -19.43
CA LYS B 43 19.73 -23.95 -20.49
C LYS B 43 18.64 -24.84 -21.10
N GLY B 44 18.58 -24.87 -22.43
CA GLY B 44 17.52 -25.57 -23.15
C GLY B 44 16.39 -24.67 -23.64
N ALA B 45 16.17 -23.55 -22.95
CA ALA B 45 15.02 -22.68 -23.19
C ALA B 45 15.16 -21.89 -24.49
N ARG B 46 14.09 -21.89 -25.28
CA ARG B 46 13.96 -21.11 -26.51
C ARG B 46 12.82 -20.13 -26.26
N ILE B 47 13.18 -18.96 -25.76
CA ILE B 47 12.22 -17.96 -25.33
C ILE B 47 11.92 -16.98 -26.47
N ALA B 48 10.65 -16.89 -26.87
CA ALA B 48 10.19 -15.83 -27.77
C ALA B 48 9.71 -14.67 -26.91
N GLY B 49 10.25 -13.48 -27.18
CA GLY B 49 9.92 -12.29 -26.43
C GLY B 49 9.29 -11.25 -27.32
N CYS B 50 8.19 -10.66 -26.84
CA CYS B 50 7.51 -9.55 -27.52
C CYS B 50 7.44 -8.39 -26.54
N LEU B 51 8.39 -7.46 -26.66
CA LEU B 51 8.57 -6.40 -25.69
C LEU B 51 9.34 -5.27 -26.34
N HIS B 52 8.86 -4.04 -26.15
CA HIS B 52 9.54 -2.82 -26.64
C HIS B 52 11.04 -3.03 -26.75
N MET B 53 11.55 -2.97 -27.97
CA MET B 53 12.96 -3.23 -28.23
C MET B 53 13.81 -2.01 -27.90
N THR B 54 14.01 -1.80 -26.60
CA THR B 54 14.78 -0.68 -26.06
C THR B 54 16.11 -1.17 -25.55
N VAL B 55 16.95 -0.21 -25.17
CA VAL B 55 18.23 -0.45 -24.48
C VAL B 55 18.02 -1.30 -23.23
N GLU B 56 16.99 -0.98 -22.45
CA GLU B 56 16.67 -1.70 -21.21
C GLU B 56 16.29 -3.16 -21.50
N THR B 57 15.40 -3.35 -22.46
CA THR B 57 15.00 -4.67 -22.90
C THR B 57 16.18 -5.45 -23.43
N ALA B 58 17.09 -4.77 -24.12
CA ALA B 58 18.33 -5.38 -24.61
C ALA B 58 19.20 -5.95 -23.47
N VAL B 59 19.19 -5.30 -22.31
CA VAL B 59 19.89 -5.81 -21.11
C VAL B 59 19.19 -7.06 -20.59
N LEU B 60 17.85 -7.03 -20.53
CA LEU B 60 17.06 -8.21 -20.19
C LEU B 60 17.40 -9.37 -21.12
N ILE B 61 17.43 -9.10 -22.42
CA ILE B 61 17.68 -10.11 -23.45
C ILE B 61 19.02 -10.81 -23.23
N GLU B 62 20.07 -10.01 -23.07
CA GLU B 62 21.41 -10.56 -22.81
C GLU B 62 21.54 -11.23 -21.44
N THR B 63 20.73 -10.82 -20.45
CA THR B 63 20.62 -11.54 -19.16
C THR B 63 20.09 -12.96 -19.37
N LEU B 64 19.06 -13.08 -20.21
CA LEU B 64 18.44 -14.39 -20.52
C LEU B 64 19.40 -15.33 -21.25
N VAL B 65 20.22 -14.77 -22.14
CA VAL B 65 21.27 -15.53 -22.84
C VAL B 65 22.43 -15.92 -21.90
N THR B 66 22.79 -15.04 -20.96
CA THR B 66 23.77 -15.36 -19.91
C THR B 66 23.30 -16.52 -19.03
N LEU B 67 21.99 -16.60 -18.81
CA LEU B 67 21.39 -17.71 -18.04
C LEU B 67 21.20 -19.01 -18.83
N GLY B 68 21.67 -19.07 -20.07
CA GLY B 68 21.70 -20.29 -20.88
C GLY B 68 20.69 -20.34 -22.01
N ALA B 69 19.70 -19.44 -21.99
CA ALA B 69 18.61 -19.49 -22.95
C ALA B 69 19.03 -19.07 -24.36
N GLU B 70 18.35 -19.66 -25.33
CA GLU B 70 18.30 -19.16 -26.68
C GLU B 70 17.09 -18.24 -26.68
N VAL B 71 17.19 -17.10 -27.36
CA VAL B 71 16.08 -16.16 -27.38
C VAL B 71 15.94 -15.49 -28.74
N GLN B 72 14.69 -15.20 -29.10
CA GLN B 72 14.36 -14.47 -30.32
C GLN B 72 13.27 -13.46 -30.03
N TRP B 73 13.41 -12.26 -30.57
CA TRP B 73 12.67 -11.10 -30.07
C TRP B 73 12.00 -10.27 -31.17
N SER B 74 10.93 -9.58 -30.75
CA SER B 74 10.29 -8.54 -31.52
C SER B 74 9.75 -7.49 -30.54
N SER B 75 9.48 -6.29 -31.03
CA SER B 75 8.88 -5.25 -30.21
C SER B 75 7.37 -5.53 -30.10
N CYS B 76 6.77 -5.10 -28.99
CA CYS B 76 5.31 -5.18 -28.79
C CYS B 76 4.57 -3.90 -29.21
N ASN B 77 5.30 -2.95 -29.82
CA ASN B 77 4.72 -1.71 -30.35
C ASN B 77 5.51 -1.25 -31.57
N ILE B 78 4.78 -0.71 -32.57
CA ILE B 78 5.36 -0.30 -33.86
C ILE B 78 6.38 0.86 -33.84
N PHE B 79 6.29 1.75 -32.84
CA PHE B 79 7.21 2.91 -32.71
C PHE B 79 8.22 2.83 -31.56
N SER B 80 8.06 1.85 -30.67
CA SER B 80 8.84 1.80 -29.42
C SER B 80 10.30 1.32 -29.55
N THR B 81 10.61 0.61 -30.64
CA THR B 81 11.97 0.14 -30.87
C THR B 81 12.95 1.30 -30.94
N GLN B 82 14.08 1.15 -30.26
CA GLN B 82 15.22 2.03 -30.40
C GLN B 82 16.18 1.28 -31.29
N ASP B 83 16.43 1.83 -32.48
CA ASP B 83 17.12 1.12 -33.57
C ASP B 83 18.55 0.72 -33.19
N HIS B 84 19.27 1.65 -32.54
CA HIS B 84 20.61 1.38 -32.00
C HIS B 84 20.67 0.19 -31.02
N ALA B 85 19.67 0.10 -30.14
CA ALA B 85 19.55 -1.06 -29.24
C ALA B 85 19.35 -2.33 -30.04
N ALA B 86 18.45 -2.29 -31.02
CA ALA B 86 18.18 -3.44 -31.90
C ALA B 86 19.41 -3.88 -32.71
N ALA B 87 20.13 -2.89 -33.23
CA ALA B 87 21.37 -3.13 -34.00
C ALA B 87 22.46 -3.81 -33.17
N ALA B 88 22.61 -3.39 -31.91
CA ALA B 88 23.56 -3.99 -30.97
C ALA B 88 23.20 -5.45 -30.63
N ILE B 89 21.91 -5.70 -30.43
CA ILE B 89 21.39 -7.04 -30.24
C ILE B 89 21.61 -7.91 -31.50
N ALA B 90 21.40 -7.33 -32.67
CA ALA B 90 21.61 -8.03 -33.95
C ALA B 90 23.09 -8.44 -34.15
N LYS B 91 24.01 -7.49 -33.98
CA LYS B 91 25.46 -7.75 -34.13
C LYS B 91 25.97 -8.80 -33.15
N ALA B 92 25.34 -8.89 -31.98
CA ALA B 92 25.67 -9.90 -30.96
C ALA B 92 25.17 -11.32 -31.31
N GLY B 93 24.57 -11.50 -32.48
CA GLY B 93 24.11 -12.80 -32.94
C GLY B 93 22.80 -13.26 -32.30
N ILE B 94 22.01 -12.31 -31.82
CA ILE B 94 20.67 -12.57 -31.30
C ILE B 94 19.70 -12.27 -32.44
N PRO B 95 18.84 -13.23 -32.82
CA PRO B 95 17.87 -12.89 -33.88
C PRO B 95 16.76 -11.97 -33.37
N VAL B 96 16.78 -10.72 -33.85
CA VAL B 96 15.84 -9.68 -33.41
C VAL B 96 15.22 -9.04 -34.64
N TYR B 97 13.89 -8.91 -34.61
CA TYR B 97 13.12 -8.40 -35.74
C TYR B 97 12.31 -7.20 -35.24
N ALA B 98 12.86 -6.00 -35.40
CA ALA B 98 12.24 -4.80 -34.84
C ALA B 98 12.88 -3.51 -35.37
N TRP B 99 12.02 -2.54 -35.70
CA TRP B 99 12.46 -1.17 -36.02
C TRP B 99 11.39 -0.12 -35.73
N LYS B 100 11.84 1.12 -35.56
CA LYS B 100 10.97 2.28 -35.37
C LYS B 100 10.24 2.59 -36.69
N GLY B 101 8.92 2.67 -36.64
CA GLY B 101 8.10 2.96 -37.82
C GLY B 101 7.73 1.74 -38.66
N GLU B 102 7.39 0.65 -37.99
CA GLU B 102 6.82 -0.54 -38.65
C GLU B 102 5.40 -0.26 -39.13
N THR B 103 4.97 -0.98 -40.17
CA THR B 103 3.54 -1.09 -40.52
C THR B 103 2.92 -2.23 -39.72
N ASP B 104 1.60 -2.29 -39.72
CA ASP B 104 0.83 -3.34 -39.02
C ASP B 104 1.13 -4.73 -39.56
N GLU B 105 1.30 -4.83 -40.88
CA GLU B 105 1.70 -6.09 -41.52
C GLU B 105 3.12 -6.48 -41.15
N GLU B 106 4.02 -5.49 -41.22
CA GLU B 106 5.41 -5.67 -40.78
C GLU B 106 5.51 -6.06 -39.29
N TYR B 107 4.62 -5.50 -38.46
CA TYR B 107 4.56 -5.84 -37.02
C TYR B 107 4.26 -7.31 -36.78
N LEU B 108 3.22 -7.80 -37.46
CA LEU B 108 2.86 -9.21 -37.40
C LEU B 108 4.00 -10.09 -37.91
N TRP B 109 4.56 -9.69 -39.06
CA TRP B 109 5.68 -10.38 -39.70
C TRP B 109 6.85 -10.60 -38.73
N CYS B 110 7.23 -9.51 -38.05
CA CYS B 110 8.32 -9.50 -37.06
C CYS B 110 8.13 -10.51 -35.93
N ILE B 111 6.90 -10.58 -35.39
CA ILE B 111 6.57 -11.54 -34.33
C ILE B 111 6.65 -12.97 -34.88
N GLU B 112 6.16 -13.17 -36.09
CA GLU B 112 6.19 -14.50 -36.74
C GLU B 112 7.60 -15.05 -36.99
N GLN B 113 8.58 -14.17 -37.14
CA GLN B 113 9.98 -14.58 -37.28
C GLN B 113 10.65 -15.06 -35.98
N THR B 114 9.99 -14.86 -34.83
CA THR B 114 10.52 -15.30 -33.51
C THR B 114 10.04 -16.68 -33.06
N LEU B 115 9.09 -17.28 -33.78
CA LEU B 115 8.45 -18.51 -33.33
C LEU B 115 9.34 -19.75 -33.55
N TYR B 116 10.15 -19.73 -34.62
CA TYR B 116 11.01 -20.86 -35.01
C TYR B 116 12.49 -20.50 -34.97
N PHE B 117 13.25 -21.28 -34.17
CA PHE B 117 14.69 -21.07 -33.96
C PHE B 117 15.47 -22.00 -34.89
N LYS B 118 16.79 -22.07 -34.71
CA LYS B 118 17.64 -23.04 -35.40
C LYS B 118 17.23 -24.50 -35.09
N ASP B 119 17.36 -24.90 -33.83
CA ASP B 119 17.12 -26.30 -33.43
C ASP B 119 15.64 -26.71 -33.44
N GLY B 120 14.72 -25.74 -33.45
CA GLY B 120 13.28 -26.03 -33.51
C GLY B 120 12.43 -24.86 -33.03
N PRO B 121 11.15 -25.12 -32.66
CA PRO B 121 10.26 -24.05 -32.23
C PRO B 121 10.47 -23.60 -30.77
N LEU B 122 9.92 -22.44 -30.45
CA LEU B 122 9.90 -21.87 -29.08
C LEU B 122 9.26 -22.80 -28.05
N ASN B 123 9.71 -22.69 -26.80
CA ASN B 123 9.15 -23.45 -25.66
C ASN B 123 8.81 -22.60 -24.42
N MET B 124 8.90 -21.27 -24.54
CA MET B 124 8.64 -20.33 -23.45
C MET B 124 8.22 -18.98 -24.04
N ILE B 125 7.24 -18.33 -23.41
CA ILE B 125 6.77 -16.99 -23.83
C ILE B 125 7.05 -15.93 -22.76
N LEU B 126 7.68 -14.84 -23.19
CA LEU B 126 7.82 -13.61 -22.40
C LEU B 126 7.07 -12.53 -23.17
N ASP B 127 6.06 -11.93 -22.54
CA ASP B 127 5.08 -11.12 -23.28
C ASP B 127 4.75 -9.81 -22.58
N ASP B 128 4.36 -8.82 -23.38
CA ASP B 128 3.95 -7.50 -22.91
C ASP B 128 2.78 -7.00 -23.77
N GLY B 129 1.56 -7.19 -23.27
CA GLY B 129 0.34 -6.81 -23.99
C GLY B 129 -0.53 -7.98 -24.41
N GLY B 130 0.05 -9.17 -24.48
CA GLY B 130 -0.67 -10.39 -24.84
C GLY B 130 -0.67 -10.74 -26.33
N ASP B 131 0.03 -9.96 -27.16
CA ASP B 131 0.01 -10.14 -28.61
C ASP B 131 0.66 -11.44 -29.05
N LEU B 132 1.87 -11.69 -28.56
CA LEU B 132 2.58 -12.95 -28.79
C LEU B 132 1.80 -14.16 -28.27
N THR B 133 1.14 -14.00 -27.12
CA THR B 133 0.26 -15.03 -26.56
C THR B 133 -1.00 -15.27 -27.44
N ASN B 134 -1.62 -14.18 -27.90
CA ASN B 134 -2.80 -14.28 -28.79
C ASN B 134 -2.48 -14.82 -30.19
N LEU B 135 -1.28 -14.52 -30.69
CA LEU B 135 -0.84 -15.02 -32.00
C LEU B 135 -0.67 -16.54 -31.98
N ILE B 136 0.00 -17.07 -30.96
CA ILE B 136 0.20 -18.52 -30.80
C ILE B 136 -1.15 -19.24 -30.68
N HIS B 137 -2.06 -18.75 -29.85
CA HIS B 137 -3.32 -19.46 -29.59
C HIS B 137 -4.33 -19.48 -30.73
N THR B 138 -4.40 -18.40 -31.51
CA THR B 138 -5.30 -18.33 -32.66
C THR B 138 -4.67 -18.82 -33.98
N LYS B 139 -3.38 -18.53 -34.20
CA LYS B 139 -2.73 -18.81 -35.50
C LYS B 139 -1.67 -19.93 -35.51
N TYR B 140 -1.07 -20.27 -34.37
CA TYR B 140 -0.11 -21.38 -34.27
C TYR B 140 -0.40 -22.31 -33.08
N PRO B 141 -1.66 -22.77 -32.92
CA PRO B 141 -2.03 -23.62 -31.77
C PRO B 141 -1.33 -24.97 -31.71
N GLN B 142 -0.82 -25.45 -32.85
CA GLN B 142 0.07 -26.61 -32.93
C GLN B 142 1.37 -26.50 -32.11
N LEU B 143 1.84 -25.27 -31.86
CA LEU B 143 3.04 -25.03 -31.06
C LEU B 143 2.79 -25.01 -29.53
N LEU B 144 1.52 -24.94 -29.13
CA LEU B 144 1.13 -24.81 -27.71
C LEU B 144 1.55 -25.98 -26.79
N PRO B 145 1.41 -27.24 -27.24
CA PRO B 145 1.89 -28.37 -26.43
C PRO B 145 3.37 -28.28 -26.01
N GLY B 146 4.23 -27.76 -26.88
CA GLY B 146 5.66 -27.62 -26.61
C GLY B 146 6.09 -26.42 -25.77
N ILE B 147 5.15 -25.53 -25.45
CA ILE B 147 5.42 -24.32 -24.64
C ILE B 147 5.15 -24.59 -23.17
N ARG B 148 6.18 -24.39 -22.35
CA ARG B 148 6.14 -24.69 -20.92
C ARG B 148 5.45 -23.61 -20.09
N GLY B 149 5.74 -22.34 -20.40
CA GLY B 149 5.20 -21.21 -19.64
C GLY B 149 5.15 -19.85 -20.34
N ILE B 150 4.25 -19.01 -19.85
CA ILE B 150 4.14 -17.60 -20.25
C ILE B 150 4.43 -16.73 -19.03
N SER B 151 5.20 -15.66 -19.22
CA SER B 151 5.27 -14.57 -18.24
C SER B 151 4.71 -13.30 -18.87
N GLU B 152 3.85 -12.60 -18.14
CA GLU B 152 3.14 -11.42 -18.65
C GLU B 152 3.22 -10.30 -17.60
N GLU B 153 3.56 -9.09 -18.06
CA GLU B 153 3.83 -7.96 -17.17
C GLU B 153 2.87 -6.77 -17.26
N THR B 154 1.86 -6.86 -18.13
CA THR B 154 1.00 -5.72 -18.44
C THR B 154 -0.43 -5.97 -17.98
N THR B 155 -1.10 -4.92 -17.51
CA THR B 155 -2.50 -4.97 -17.06
C THR B 155 -3.40 -5.54 -18.18
N THR B 156 -3.29 -4.94 -19.37
CA THR B 156 -3.93 -5.41 -20.61
C THR B 156 -3.74 -6.92 -20.82
N GLY B 157 -2.49 -7.37 -20.72
CA GLY B 157 -2.18 -8.77 -20.91
C GLY B 157 -2.76 -9.71 -19.87
N VAL B 158 -2.81 -9.26 -18.63
CA VAL B 158 -3.31 -10.09 -17.52
C VAL B 158 -4.83 -10.22 -17.57
N HIS B 159 -5.55 -9.12 -17.82
CA HIS B 159 -7.00 -9.18 -18.03
C HIS B 159 -7.34 -10.13 -19.17
N ASN B 160 -6.58 -10.02 -20.27
CA ASN B 160 -6.67 -10.90 -21.43
C ASN B 160 -6.42 -12.38 -21.09
N LEU B 161 -5.42 -12.64 -20.24
CA LEU B 161 -5.14 -14.01 -19.75
C LEU B 161 -6.29 -14.59 -18.91
N TYR B 162 -6.90 -13.78 -18.05
CA TYR B 162 -8.03 -14.22 -17.21
C TYR B 162 -9.28 -14.56 -18.02
N LYS B 163 -9.54 -13.79 -19.08
CA LYS B 163 -10.64 -14.06 -20.02
C LYS B 163 -10.40 -15.31 -20.85
N MET B 164 -9.17 -15.47 -21.34
CA MET B 164 -8.75 -16.70 -22.01
C MET B 164 -8.96 -17.92 -21.09
N MET B 165 -8.63 -17.78 -19.81
CA MET B 165 -8.81 -18.86 -18.83
C MET B 165 -10.28 -19.12 -18.47
N ALA B 166 -11.07 -18.05 -18.35
CA ALA B 166 -12.50 -18.18 -18.07
C ALA B 166 -13.26 -18.89 -19.20
N ASN B 167 -12.82 -18.69 -20.44
CA ASN B 167 -13.44 -19.26 -21.65
C ASN B 167 -12.71 -20.48 -22.24
N GLY B 168 -11.84 -21.12 -21.44
CA GLY B 168 -11.16 -22.35 -21.86
C GLY B 168 -10.17 -22.26 -23.01
N ILE B 169 -9.76 -21.05 -23.39
CA ILE B 169 -8.87 -20.80 -24.53
C ILE B 169 -7.39 -20.97 -24.15
N LEU B 170 -7.04 -20.65 -22.90
CA LEU B 170 -5.66 -20.73 -22.41
C LEU B 170 -5.22 -22.18 -22.23
N LYS B 171 -4.05 -22.50 -22.79
CA LYS B 171 -3.48 -23.87 -22.79
C LYS B 171 -2.08 -23.96 -22.17
N VAL B 172 -1.58 -22.86 -21.57
CA VAL B 172 -0.22 -22.80 -21.02
C VAL B 172 -0.26 -22.10 -19.65
N PRO B 173 0.51 -22.59 -18.66
CA PRO B 173 0.63 -21.88 -17.37
C PRO B 173 1.25 -20.49 -17.53
N ALA B 174 0.70 -19.51 -16.82
CA ALA B 174 1.16 -18.13 -16.94
C ALA B 174 1.38 -17.50 -15.58
N ILE B 175 2.57 -16.91 -15.39
CA ILE B 175 2.82 -16.08 -14.19
C ILE B 175 2.49 -14.62 -14.51
N ASN B 176 1.62 -14.04 -13.67
CA ASN B 176 1.33 -12.61 -13.66
C ASN B 176 2.40 -11.89 -12.83
N VAL B 177 3.18 -11.07 -13.52
CA VAL B 177 4.25 -10.25 -12.95
C VAL B 177 3.78 -8.78 -12.70
N ASN B 178 2.64 -8.40 -13.28
CA ASN B 178 2.13 -7.02 -13.19
C ASN B 178 1.75 -6.56 -11.77
N ASP B 179 1.30 -7.51 -10.96
CA ASP B 179 0.85 -7.22 -9.60
C ASP B 179 1.88 -7.56 -8.51
N SER B 180 3.14 -7.78 -8.91
CA SER B 180 4.23 -7.81 -7.94
C SER B 180 4.37 -6.42 -7.31
N VAL B 181 4.79 -6.38 -6.06
CA VAL B 181 5.03 -5.11 -5.39
C VAL B 181 6.19 -4.38 -6.06
N THR B 182 7.27 -5.10 -6.38
CA THR B 182 8.44 -4.50 -7.01
C THR B 182 8.15 -4.01 -8.43
N LYS B 183 7.25 -4.67 -9.15
CA LYS B 183 6.91 -4.26 -10.51
C LYS B 183 5.95 -3.09 -10.46
N SER B 184 4.84 -3.27 -9.76
CA SER B 184 3.76 -2.29 -9.72
C SER B 184 4.22 -0.94 -9.17
N LYS B 185 5.00 -0.95 -8.10
CA LYS B 185 5.46 0.30 -7.47
C LYS B 185 6.42 1.11 -8.36
N PHE B 186 7.28 0.42 -9.10
CA PHE B 186 8.24 1.08 -9.98
C PHE B 186 7.59 1.52 -11.28
N ASP B 187 6.81 0.65 -11.89
CA ASP B 187 6.16 0.96 -13.16
C ASP B 187 5.12 2.06 -13.02
N ASN B 188 4.41 2.08 -11.89
CA ASN B 188 3.31 3.03 -11.66
C ASN B 188 3.72 4.27 -10.86
N LEU B 189 4.18 4.08 -9.63
CA LEU B 189 4.45 5.20 -8.73
C LEU B 189 5.81 5.90 -8.99
N TYR B 190 6.91 5.21 -8.75
CA TYR B 190 8.25 5.82 -8.84
C TYR B 190 8.62 6.25 -10.27
N GLY B 191 8.25 5.45 -11.26
CA GLY B 191 8.53 5.80 -12.66
C GLY B 191 7.87 7.11 -13.08
N CYS B 192 6.58 7.25 -12.78
CA CYS B 192 5.85 8.46 -13.13
C CYS B 192 6.28 9.66 -12.28
N ARG B 193 6.65 9.41 -11.03
CA ARG B 193 7.24 10.45 -10.18
C ARG B 193 8.53 11.01 -10.76
N GLU B 194 9.33 10.13 -11.38
CA GLU B 194 10.62 10.50 -11.98
C GLU B 194 10.49 11.28 -13.31
N SER B 195 9.45 11.01 -14.08
CA SER B 195 9.36 11.46 -15.46
C SER B 195 8.21 12.43 -15.81
N LEU B 196 7.20 12.58 -14.96
CA LEU B 196 6.08 13.48 -15.26
C LEU B 196 6.61 14.85 -15.63
N ILE B 197 7.38 15.42 -14.72
CA ILE B 197 7.84 16.80 -14.83
C ILE B 197 8.96 16.93 -15.84
N ASP B 198 9.67 15.84 -16.08
CA ASP B 198 10.62 15.78 -17.18
C ASP B 198 9.91 16.09 -18.52
N GLY B 199 8.81 15.40 -18.77
CA GLY B 199 7.96 15.65 -19.93
C GLY B 199 7.43 17.07 -20.05
N ILE B 200 6.86 17.59 -18.96
CA ILE B 200 6.30 18.95 -18.94
C ILE B 200 7.38 20.00 -19.21
N LYS B 201 8.55 19.81 -18.60
CA LYS B 201 9.69 20.72 -18.78
C LYS B 201 10.21 20.71 -20.21
N ARG B 202 10.45 19.52 -20.74
CA ARG B 202 10.94 19.38 -22.11
C ARG B 202 9.97 19.98 -23.11
N ALA B 203 8.69 19.82 -22.84
CA ALA B 203 7.66 20.36 -23.68
C ALA B 203 7.51 21.88 -23.58
N THR B 204 7.62 22.42 -22.37
CA THR B 204 7.26 23.83 -22.10
C THR B 204 8.33 24.71 -21.47
N ASP B 205 9.31 24.11 -20.77
CA ASP B 205 10.31 24.84 -19.97
C ASP B 205 9.68 25.77 -18.92
N VAL B 206 8.50 25.39 -18.43
CA VAL B 206 7.70 26.27 -17.58
C VAL B 206 8.11 26.12 -16.12
N MET B 207 8.09 27.24 -15.39
CA MET B 207 8.22 27.23 -13.93
C MET B 207 7.08 26.40 -13.35
N ILE B 208 7.40 25.49 -12.45
CA ILE B 208 6.40 24.66 -11.74
C ILE B 208 6.01 25.28 -10.39
N ALA B 209 7.01 25.76 -9.65
CA ALA B 209 6.77 26.42 -8.36
C ALA B 209 5.71 27.54 -8.48
N GLY B 210 4.78 27.57 -7.54
CA GLY B 210 3.77 28.63 -7.49
C GLY B 210 2.58 28.45 -8.40
N LYS B 211 2.50 27.31 -9.10
CA LYS B 211 1.34 26.96 -9.91
C LYS B 211 0.39 26.04 -9.17
N VAL B 212 -0.88 26.12 -9.56
CA VAL B 212 -1.87 25.14 -9.12
C VAL B 212 -1.84 24.00 -10.13
N ALA B 213 -1.63 22.79 -9.64
CA ALA B 213 -1.58 21.61 -10.50
C ALA B 213 -2.73 20.70 -10.11
N VAL B 214 -3.55 20.30 -11.09
CA VAL B 214 -4.72 19.49 -10.82
C VAL B 214 -4.40 18.11 -11.31
N VAL B 215 -4.38 17.14 -10.38
CA VAL B 215 -4.09 15.75 -10.70
C VAL B 215 -5.36 14.96 -10.54
N ALA B 216 -5.88 14.42 -11.65
CA ALA B 216 -7.09 13.60 -11.60
C ALA B 216 -6.68 12.16 -11.33
N GLY B 217 -7.14 11.64 -10.19
CA GLY B 217 -6.76 10.31 -9.73
C GLY B 217 -5.66 10.36 -8.67
N TYR B 218 -5.80 9.50 -7.66
CA TYR B 218 -4.81 9.31 -6.60
C TYR B 218 -4.59 7.82 -6.33
N GLY B 219 -4.49 7.05 -7.42
CA GLY B 219 -3.93 5.70 -7.37
C GLY B 219 -2.42 5.81 -7.36
N ASP B 220 -1.71 4.76 -7.77
CA ASP B 220 -0.25 4.80 -7.71
C ASP B 220 0.37 5.83 -8.63
N VAL B 221 -0.18 6.00 -9.84
CA VAL B 221 0.32 7.04 -10.76
C VAL B 221 0.02 8.43 -10.23
N GLY B 222 -1.19 8.66 -9.75
CA GLY B 222 -1.57 9.95 -9.18
C GLY B 222 -0.74 10.33 -7.96
N LYS B 223 -0.49 9.35 -7.09
CA LYS B 223 0.34 9.54 -5.90
C LYS B 223 1.72 10.02 -6.26
N GLY B 224 2.33 9.36 -7.24
CA GLY B 224 3.67 9.69 -7.71
C GLY B 224 3.72 11.06 -8.35
N CYS B 225 2.78 11.31 -9.26
CA CYS B 225 2.66 12.61 -9.92
C CYS B 225 2.48 13.75 -8.92
N ALA B 226 1.59 13.53 -7.95
CA ALA B 226 1.27 14.55 -6.94
C ALA B 226 2.49 14.88 -6.09
N GLN B 227 3.16 13.85 -5.61
CA GLN B 227 4.39 13.99 -4.83
C GLN B 227 5.45 14.82 -5.57
N ALA B 228 5.66 14.51 -6.85
CA ALA B 228 6.64 15.21 -7.69
C ALA B 228 6.36 16.71 -7.83
N LEU B 229 5.13 17.04 -8.22
CA LEU B 229 4.69 18.44 -8.38
C LEU B 229 4.82 19.25 -7.08
N ARG B 230 4.46 18.60 -5.99
CA ARG B 230 4.54 19.16 -4.65
C ARG B 230 5.98 19.47 -4.23
N GLY B 231 6.90 18.56 -4.55
CA GLY B 231 8.33 18.78 -4.32
C GLY B 231 8.88 20.04 -4.97
N PHE B 232 8.37 20.40 -6.14
CA PHE B 232 8.77 21.64 -6.83
C PHE B 232 8.09 22.91 -6.33
N GLY B 233 7.20 22.81 -5.36
CA GLY B 233 6.49 23.98 -4.85
C GLY B 233 5.23 24.34 -5.60
N ALA B 234 4.66 23.39 -6.35
CA ALA B 234 3.32 23.56 -6.88
C ALA B 234 2.30 23.18 -5.81
N ARG B 235 1.15 23.84 -5.85
CA ARG B 235 0.03 23.52 -4.99
C ARG B 235 -0.84 22.52 -5.74
N VAL B 236 -0.94 21.32 -5.19
CA VAL B 236 -1.58 20.19 -5.85
C VAL B 236 -3.01 20.00 -5.34
N ILE B 237 -3.96 20.01 -6.27
CA ILE B 237 -5.36 19.71 -6.01
C ILE B 237 -5.66 18.36 -6.66
N ILE B 238 -6.40 17.51 -5.97
CA ILE B 238 -6.66 16.15 -6.44
C ILE B 238 -8.14 15.91 -6.66
N THR B 239 -8.47 15.11 -7.69
CA THR B 239 -9.84 14.66 -7.92
C THR B 239 -9.86 13.14 -7.81
N GLU B 240 -10.93 12.62 -7.21
CA GLU B 240 -11.07 11.18 -7.01
C GLU B 240 -12.53 10.76 -6.95
N ILE B 241 -12.75 9.50 -7.30
CA ILE B 241 -14.03 8.79 -7.16
C ILE B 241 -14.02 7.73 -6.06
N ASP B 242 -12.84 7.27 -5.64
CA ASP B 242 -12.70 6.31 -4.55
C ASP B 242 -12.54 7.01 -3.20
N PRO B 243 -13.45 6.75 -2.23
CA PRO B 243 -13.38 7.36 -0.90
C PRO B 243 -12.08 7.13 -0.12
N ILE B 244 -11.45 5.98 -0.34
CA ILE B 244 -10.24 5.61 0.40
C ILE B 244 -9.07 6.40 -0.15
N ASN B 245 -8.87 6.33 -1.46
CA ASN B 245 -7.84 7.09 -2.15
C ASN B 245 -7.98 8.61 -1.90
N ALA B 246 -9.21 9.11 -1.88
CA ALA B 246 -9.48 10.53 -1.60
C ALA B 246 -9.03 10.93 -0.19
N LEU B 247 -9.39 10.10 0.78
CA LEU B 247 -8.96 10.24 2.17
C LEU B 247 -7.44 10.19 2.31
N GLN B 248 -6.79 9.28 1.61
CA GLN B 248 -5.32 9.23 1.62
C GLN B 248 -4.71 10.58 1.23
N ALA B 249 -5.27 11.21 0.20
CA ALA B 249 -4.81 12.52 -0.28
C ALA B 249 -5.06 13.62 0.74
N ALA B 250 -6.24 13.62 1.34
CA ALA B 250 -6.59 14.55 2.42
C ALA B 250 -5.61 14.46 3.59
N MET B 251 -5.23 13.24 3.95
CA MET B 251 -4.32 13.01 5.08
C MET B 251 -2.87 13.40 4.80
N GLU B 252 -2.50 13.60 3.54
CA GLU B 252 -1.23 14.26 3.21
C GLU B 252 -1.36 15.77 3.00
N GLY B 253 -2.55 16.32 3.21
CA GLY B 253 -2.79 17.76 3.11
C GLY B 253 -3.07 18.28 1.72
N TYR B 254 -3.45 17.38 0.79
CA TYR B 254 -3.89 17.81 -0.54
C TYR B 254 -5.36 18.24 -0.48
N GLU B 255 -5.71 19.33 -1.16
CA GLU B 255 -7.11 19.66 -1.40
C GLU B 255 -7.68 18.59 -2.32
N VAL B 256 -8.86 18.08 -1.98
CA VAL B 256 -9.55 17.11 -2.85
C VAL B 256 -10.92 17.67 -3.25
N THR B 257 -11.08 17.94 -4.55
CA THR B 257 -12.35 18.43 -5.07
C THR B 257 -12.61 17.89 -6.49
N THR B 258 -13.67 18.38 -7.14
CA THR B 258 -14.09 17.83 -8.43
C THR B 258 -13.43 18.60 -9.56
N MET B 259 -13.31 17.97 -10.73
CA MET B 259 -12.81 18.66 -11.91
C MET B 259 -13.70 19.85 -12.31
N ASP B 260 -15.01 19.74 -12.07
CA ASP B 260 -15.96 20.85 -12.31
C ASP B 260 -15.59 22.14 -11.60
N GLU B 261 -15.07 22.04 -10.38
CA GLU B 261 -14.62 23.20 -9.63
C GLU B 261 -13.15 23.54 -9.93
N ALA B 262 -12.32 22.51 -10.01
CA ALA B 262 -10.87 22.68 -10.18
C ALA B 262 -10.42 23.20 -11.56
N CYS B 263 -11.25 23.00 -12.59
CA CYS B 263 -10.93 23.48 -13.94
C CYS B 263 -10.72 25.01 -14.04
N GLN B 264 -11.38 25.75 -13.14
CA GLN B 264 -11.21 27.22 -13.04
C GLN B 264 -9.95 27.65 -12.28
N GLU B 265 -9.30 26.73 -11.58
CA GLU B 265 -8.18 27.05 -10.68
C GLU B 265 -6.79 26.63 -11.19
N GLY B 266 -6.73 25.52 -11.94
CA GLY B 266 -5.45 24.91 -12.31
C GLY B 266 -4.65 25.59 -13.43
N ASN B 267 -3.36 25.75 -13.20
CA ASN B 267 -2.41 26.14 -14.25
C ASN B 267 -1.92 24.93 -15.04
N ILE B 268 -1.92 23.76 -14.41
CA ILE B 268 -1.44 22.52 -15.01
C ILE B 268 -2.47 21.42 -14.71
N PHE B 269 -2.72 20.53 -15.68
CA PHE B 269 -3.66 19.42 -15.52
C PHE B 269 -3.00 18.11 -15.92
N VAL B 270 -3.01 17.15 -15.00
CA VAL B 270 -2.47 15.82 -15.21
C VAL B 270 -3.55 14.77 -14.90
N THR B 271 -3.94 13.99 -15.91
CA THR B 271 -4.91 12.90 -15.74
C THR B 271 -4.18 11.58 -15.49
N THR B 272 -4.56 10.85 -14.44
CA THR B 272 -3.91 9.56 -14.07
C THR B 272 -4.92 8.44 -13.78
N THR B 273 -6.14 8.60 -14.27
CA THR B 273 -7.29 7.80 -13.80
C THR B 273 -7.46 6.44 -14.46
N GLY B 274 -6.92 6.28 -15.67
CA GLY B 274 -7.27 5.15 -16.52
C GLY B 274 -8.71 5.11 -17.03
N CYS B 275 -9.41 6.26 -16.99
CA CYS B 275 -10.86 6.31 -17.28
C CYS B 275 -11.18 7.36 -18.36
N ILE B 276 -12.32 7.17 -19.02
CA ILE B 276 -12.83 8.12 -20.03
C ILE B 276 -13.39 9.41 -19.44
N ASP B 277 -13.47 10.45 -20.29
CA ASP B 277 -14.20 11.68 -20.00
C ASP B 277 -13.77 12.38 -18.70
N ILE B 278 -12.47 12.61 -18.56
CA ILE B 278 -11.91 13.28 -17.38
C ILE B 278 -11.83 14.78 -17.62
N ILE B 279 -11.31 15.17 -18.78
CA ILE B 279 -11.23 16.57 -19.17
C ILE B 279 -11.98 16.79 -20.50
N LEU B 280 -12.94 17.70 -20.46
CA LEU B 280 -13.96 17.87 -21.48
C LEU B 280 -14.00 19.33 -21.89
N GLY B 281 -14.66 19.60 -23.01
CA GLY B 281 -14.89 20.95 -23.51
C GLY B 281 -15.46 21.88 -22.46
N ARG B 282 -16.48 21.39 -21.77
CA ARG B 282 -17.01 21.94 -20.52
C ARG B 282 -15.91 22.50 -19.58
N HIS B 283 -14.85 21.71 -19.38
CA HIS B 283 -13.72 22.11 -18.54
C HIS B 283 -12.75 23.06 -19.25
N PHE B 284 -12.40 22.76 -20.50
CA PHE B 284 -11.51 23.63 -21.30
C PHE B 284 -12.00 25.09 -21.37
N GLU B 285 -13.32 25.27 -21.57
CA GLU B 285 -13.96 26.59 -21.61
C GLU B 285 -13.73 27.48 -20.38
N GLN B 286 -13.42 26.86 -19.24
CA GLN B 286 -13.20 27.54 -17.96
C GLN B 286 -11.73 27.79 -17.57
N MET B 287 -10.80 27.20 -18.33
CA MET B 287 -9.40 27.19 -17.92
C MET B 287 -8.73 28.54 -18.08
N LYS B 288 -7.72 28.77 -17.26
CA LYS B 288 -6.89 29.95 -17.35
C LYS B 288 -6.14 29.92 -18.66
N ASP B 289 -5.87 31.12 -19.19
CA ASP B 289 -5.11 31.28 -20.43
C ASP B 289 -3.77 30.57 -20.32
N ASP B 290 -3.45 29.79 -21.33
CA ASP B 290 -2.22 28.97 -21.41
C ASP B 290 -2.10 27.86 -20.35
N ALA B 291 -3.24 27.33 -19.90
CA ALA B 291 -3.23 26.15 -19.05
C ALA B 291 -2.60 25.01 -19.83
N ILE B 292 -1.77 24.23 -19.15
CA ILE B 292 -1.09 23.08 -19.73
C ILE B 292 -1.90 21.84 -19.35
N VAL B 293 -2.25 21.04 -20.35
CA VAL B 293 -3.06 19.84 -20.15
C VAL B 293 -2.30 18.64 -20.70
N CYS B 294 -2.22 17.58 -19.90
CA CYS B 294 -1.49 16.38 -20.31
C CYS B 294 -2.01 15.16 -19.58
N ASN B 295 -1.71 14.00 -20.15
CA ASN B 295 -2.20 12.71 -19.66
C ASN B 295 -0.98 11.82 -19.45
N ILE B 296 -0.95 11.14 -18.31
CA ILE B 296 0.08 10.14 -18.02
C ILE B 296 -0.56 8.81 -17.62
N GLY B 297 -1.89 8.71 -17.74
CA GLY B 297 -2.64 7.54 -17.30
C GLY B 297 -2.88 6.60 -18.47
N HIS B 298 -4.13 6.52 -18.91
CA HIS B 298 -4.49 5.58 -19.96
C HIS B 298 -4.25 6.13 -21.33
N PHE B 299 -3.47 5.38 -22.10
CA PHE B 299 -3.15 5.62 -23.49
C PHE B 299 -3.70 6.92 -24.10
N ASP B 300 -4.99 7.02 -24.41
CA ASP B 300 -5.52 8.26 -24.99
C ASP B 300 -7.00 8.63 -24.76
N VAL B 301 -7.62 8.01 -23.77
CA VAL B 301 -9.07 8.15 -23.61
C VAL B 301 -9.51 9.12 -22.49
N GLU B 302 -8.56 9.77 -21.82
CA GLU B 302 -8.88 10.58 -20.63
C GLU B 302 -9.26 12.03 -20.96
N ILE B 303 -8.57 12.60 -21.95
CA ILE B 303 -8.82 13.96 -22.42
C ILE B 303 -9.59 13.92 -23.74
N ASP B 304 -10.55 14.83 -23.90
CA ASP B 304 -11.33 14.93 -25.13
C ASP B 304 -10.60 15.85 -26.10
N VAL B 305 -9.58 15.30 -26.73
CA VAL B 305 -8.74 16.02 -27.69
C VAL B 305 -9.55 16.33 -28.96
N LYS B 306 -10.45 15.40 -29.30
CA LYS B 306 -11.34 15.57 -30.44
C LYS B 306 -12.18 16.84 -30.34
N TRP B 307 -12.64 17.19 -29.14
CA TRP B 307 -13.37 18.43 -28.92
C TRP B 307 -12.52 19.66 -29.28
N LEU B 308 -11.27 19.68 -28.82
CA LEU B 308 -10.35 20.77 -29.14
C LEU B 308 -10.15 20.91 -30.64
N ASN B 309 -9.95 19.79 -31.33
CA ASN B 309 -9.73 19.83 -32.77
C ASN B 309 -10.95 20.39 -33.51
N GLU B 310 -12.15 20.07 -33.00
CA GLU B 310 -13.40 20.49 -33.63
C GLU B 310 -13.90 21.88 -33.24
N ASN B 311 -13.54 22.37 -32.05
CA ASN B 311 -14.10 23.63 -31.53
C ASN B 311 -13.13 24.80 -31.38
N ALA B 312 -11.83 24.54 -31.46
CA ALA B 312 -10.84 25.62 -31.37
C ALA B 312 -10.82 26.41 -32.65
N VAL B 313 -10.48 27.69 -32.54
CA VAL B 313 -10.31 28.56 -33.71
C VAL B 313 -8.87 28.46 -34.24
N GLU B 314 -7.91 28.04 -33.41
CA GLU B 314 -6.54 27.79 -33.86
C GLU B 314 -5.97 26.51 -33.27
N LYS B 315 -5.15 25.82 -34.05
CA LYS B 315 -4.28 24.75 -33.55
C LYS B 315 -2.90 24.99 -34.13
N VAL B 316 -1.94 25.30 -33.27
CA VAL B 316 -0.57 25.55 -33.70
C VAL B 316 0.35 24.54 -33.05
N ASN B 317 1.10 23.80 -33.87
CA ASN B 317 2.20 22.98 -33.40
C ASN B 317 3.35 23.87 -32.96
N ILE B 318 3.73 23.78 -31.69
CA ILE B 318 4.86 24.54 -31.16
C ILE B 318 6.15 23.80 -31.45
N LYS B 319 6.17 22.52 -31.10
CA LYS B 319 7.28 21.61 -31.39
C LYS B 319 6.68 20.21 -31.43
N PRO B 320 7.49 19.17 -31.70
CA PRO B 320 6.91 17.82 -31.70
C PRO B 320 6.26 17.50 -30.35
N GLN B 321 5.01 17.03 -30.42
CA GLN B 321 4.23 16.64 -29.24
C GLN B 321 3.83 17.82 -28.34
N VAL B 322 3.74 19.02 -28.91
CA VAL B 322 3.28 20.20 -28.16
C VAL B 322 2.40 21.04 -29.09
N ASP B 323 1.12 21.10 -28.78
CA ASP B 323 0.15 21.87 -29.58
C ASP B 323 -0.54 22.92 -28.68
N ARG B 324 -0.60 24.15 -29.18
CA ARG B 324 -1.25 25.26 -28.50
C ARG B 324 -2.52 25.62 -29.28
N TYR B 325 -3.66 25.46 -28.62
CA TYR B 325 -4.96 25.79 -29.21
C TYR B 325 -5.44 27.14 -28.73
N ARG B 326 -6.17 27.85 -29.59
CA ARG B 326 -6.90 29.05 -29.21
C ARG B 326 -8.37 28.73 -29.31
N LEU B 327 -9.13 29.00 -28.25
CA LEU B 327 -10.56 28.74 -28.20
C LEU B 327 -11.37 29.97 -28.62
N LYS B 328 -12.66 29.76 -28.83
CA LYS B 328 -13.60 30.83 -29.22
C LYS B 328 -13.66 31.96 -28.19
N ASN B 329 -13.40 31.64 -26.92
CA ASN B 329 -13.30 32.66 -25.87
C ASN B 329 -11.99 33.49 -25.89
N GLY B 330 -11.06 33.16 -26.78
CA GLY B 330 -9.79 33.87 -26.92
C GLY B 330 -8.64 33.36 -26.07
N ARG B 331 -8.90 32.36 -25.23
CA ARG B 331 -7.88 31.84 -24.34
C ARG B 331 -7.25 30.60 -24.97
N ARG B 332 -6.01 30.34 -24.55
CA ARG B 332 -5.19 29.32 -25.16
C ARG B 332 -5.00 28.14 -24.23
N ILE B 333 -4.93 26.94 -24.80
CA ILE B 333 -4.60 25.73 -24.07
C ILE B 333 -3.41 25.04 -24.71
N ILE B 334 -2.44 24.65 -23.88
CA ILE B 334 -1.24 23.92 -24.31
C ILE B 334 -1.47 22.43 -24.04
N LEU B 335 -1.70 21.64 -25.09
CA LEU B 335 -1.89 20.20 -24.98
C LEU B 335 -0.59 19.49 -25.28
N LEU B 336 -0.20 18.56 -24.40
CA LEU B 336 1.04 17.81 -24.55
C LEU B 336 0.76 16.42 -25.09
N ALA B 337 1.63 15.98 -25.99
CA ALA B 337 1.60 14.63 -26.55
C ALA B 337 0.27 14.19 -27.17
N GLU B 338 -0.52 15.16 -27.67
CA GLU B 338 -1.83 14.87 -28.30
C GLU B 338 -2.82 14.13 -27.39
N GLY B 339 -2.74 14.39 -26.08
CA GLY B 339 -3.54 13.65 -25.09
C GLY B 339 -3.09 12.24 -24.79
N ARG B 340 -1.96 11.83 -25.39
CA ARG B 340 -1.37 10.52 -25.16
C ARG B 340 -0.37 10.64 -23.99
N LEU B 341 0.43 9.61 -23.74
CA LEU B 341 1.28 9.58 -22.53
C LEU B 341 2.41 10.59 -22.61
N VAL B 342 2.37 11.58 -21.71
CA VAL B 342 3.34 12.68 -21.69
C VAL B 342 4.78 12.22 -21.45
N ASN B 343 4.94 11.19 -20.62
CA ASN B 343 6.28 10.66 -20.29
C ASN B 343 6.95 9.95 -21.48
N LEU B 344 6.16 9.48 -22.43
CA LEU B 344 6.67 8.88 -23.66
C LEU B 344 6.74 9.86 -24.83
N GLY B 345 5.74 10.74 -24.94
CA GLY B 345 5.69 11.72 -26.03
C GLY B 345 6.69 12.84 -25.84
N CYS B 346 6.80 13.33 -24.62
CA CYS B 346 7.62 14.50 -24.30
C CYS B 346 8.86 14.23 -23.48
N ALA B 347 9.12 12.97 -23.12
CA ALA B 347 10.33 12.60 -22.37
C ALA B 347 10.80 11.23 -22.82
N MET B 348 11.64 10.55 -22.05
CA MET B 348 12.21 9.25 -22.45
C MET B 348 11.60 8.05 -21.70
N GLY B 349 10.37 8.19 -21.22
CA GLY B 349 9.73 7.11 -20.47
C GLY B 349 10.41 6.83 -19.13
N HIS B 350 10.34 5.57 -18.69
CA HIS B 350 10.85 5.19 -17.38
C HIS B 350 12.38 5.14 -17.36
N PRO B 351 13.00 5.61 -16.26
CA PRO B 351 14.44 5.38 -16.07
C PRO B 351 14.80 3.91 -16.04
N SER B 352 16.04 3.60 -16.41
CA SER B 352 16.49 2.21 -16.47
C SER B 352 16.26 1.43 -15.18
N PHE B 353 16.49 2.05 -14.03
CA PHE B 353 16.33 1.39 -12.72
C PHE B 353 14.92 0.89 -12.49
N VAL B 354 13.92 1.60 -13.02
CA VAL B 354 12.52 1.16 -12.98
C VAL B 354 12.34 -0.13 -13.75
N MET B 355 12.85 -0.17 -14.98
CA MET B 355 12.72 -1.36 -15.83
C MET B 355 13.52 -2.54 -15.28
N SER B 356 14.59 -2.26 -14.55
CA SER B 356 15.34 -3.31 -13.89
C SER B 356 14.46 -4.11 -12.94
N ASN B 357 13.60 -3.42 -12.20
CA ASN B 357 12.67 -4.10 -11.30
C ASN B 357 11.63 -4.91 -12.08
N SER B 358 11.04 -4.32 -13.11
CA SER B 358 10.06 -5.01 -13.93
C SER B 358 10.64 -6.21 -14.69
N PHE B 359 11.84 -6.04 -15.24
CA PHE B 359 12.47 -7.11 -16.01
C PHE B 359 13.12 -8.17 -15.12
N THR B 360 13.60 -7.78 -13.93
CA THR B 360 14.07 -8.76 -12.95
C THR B 360 12.91 -9.64 -12.45
N ASN B 361 11.70 -9.09 -12.38
CA ASN B 361 10.49 -9.90 -12.17
C ASN B 361 10.32 -10.95 -13.29
N GLN B 362 10.56 -10.52 -14.52
CA GLN B 362 10.43 -11.38 -15.71
C GLN B 362 11.36 -12.58 -15.70
N VAL B 363 12.64 -12.31 -15.42
CA VAL B 363 13.67 -13.35 -15.30
C VAL B 363 13.27 -14.37 -14.22
N MET B 364 12.78 -13.89 -13.09
CA MET B 364 12.31 -14.76 -12.01
C MET B 364 11.18 -15.68 -12.47
N ALA B 365 10.23 -15.12 -13.22
CA ALA B 365 9.12 -15.89 -13.77
C ALA B 365 9.57 -16.94 -14.77
N GLN B 366 10.49 -16.56 -15.66
CA GLN B 366 11.04 -17.47 -16.66
C GLN B 366 11.82 -18.61 -16.04
N ILE B 367 12.66 -18.31 -15.05
CA ILE B 367 13.36 -19.36 -14.27
C ILE B 367 12.34 -20.27 -13.60
N GLU B 368 11.38 -19.66 -12.90
CA GLU B 368 10.38 -20.39 -12.12
C GLU B 368 9.54 -21.38 -12.93
N LEU B 369 9.21 -21.03 -14.17
CA LEU B 369 8.39 -21.89 -15.06
C LEU B 369 9.19 -22.96 -15.81
N TRP B 370 10.36 -22.59 -16.33
CA TRP B 370 11.25 -23.52 -17.03
C TRP B 370 11.88 -24.55 -16.09
N THR B 371 12.16 -24.14 -14.85
CA THR B 371 12.77 -25.01 -13.83
C THR B 371 11.77 -25.94 -13.14
N HIS B 372 10.55 -25.45 -12.91
CA HIS B 372 9.51 -26.24 -12.20
C HIS B 372 8.20 -26.34 -13.03
N PRO B 373 8.18 -27.19 -14.08
CA PRO B 373 6.95 -27.44 -14.87
C PRO B 373 5.83 -28.04 -14.03
N ASP B 374 6.18 -29.12 -13.34
CA ASP B 374 5.37 -29.80 -12.33
C ASP B 374 4.46 -28.88 -11.49
N LYS B 375 5.00 -27.72 -11.12
CA LYS B 375 4.40 -26.86 -10.10
C LYS B 375 3.08 -26.16 -10.49
N TYR B 376 2.98 -25.62 -11.71
CA TYR B 376 1.87 -24.72 -12.10
C TYR B 376 0.86 -25.33 -13.08
N PRO B 377 -0.42 -25.46 -12.65
CA PRO B 377 -1.51 -25.80 -13.57
C PRO B 377 -1.74 -24.74 -14.66
N VAL B 378 -2.43 -25.14 -15.73
CA VAL B 378 -2.88 -24.19 -16.75
C VAL B 378 -3.74 -23.14 -16.02
N GLY B 379 -3.36 -21.88 -16.15
CA GLY B 379 -3.98 -20.80 -15.38
C GLY B 379 -3.05 -19.62 -15.12
N VAL B 380 -3.62 -18.58 -14.51
CA VAL B 380 -2.91 -17.32 -14.26
C VAL B 380 -2.51 -17.28 -12.78
N HIS B 381 -1.20 -17.19 -12.52
CA HIS B 381 -0.66 -17.25 -11.15
C HIS B 381 0.12 -15.98 -10.80
N PHE B 382 -0.13 -15.41 -9.62
CA PHE B 382 0.72 -14.33 -9.11
C PHE B 382 2.13 -14.86 -8.86
N LEU B 383 3.12 -14.01 -9.08
CA LEU B 383 4.50 -14.35 -8.73
C LEU B 383 4.56 -14.59 -7.21
N PRO B 384 5.22 -15.69 -6.76
CA PRO B 384 5.33 -15.94 -5.31
C PRO B 384 6.07 -14.82 -4.57
N LYS B 385 5.62 -14.51 -3.35
CA LYS B 385 6.17 -13.39 -2.58
C LYS B 385 7.68 -13.47 -2.40
N LYS B 386 8.20 -14.68 -2.20
CA LYS B 386 9.63 -14.85 -1.97
C LYS B 386 10.45 -14.36 -3.18
N LEU B 387 9.95 -14.57 -4.39
CA LEU B 387 10.61 -14.07 -5.60
C LEU B 387 10.48 -12.56 -5.72
N ASP B 388 9.31 -12.02 -5.37
CA ASP B 388 9.09 -10.56 -5.30
C ASP B 388 10.10 -9.91 -4.34
N GLU B 389 10.27 -10.50 -3.16
CA GLU B 389 11.32 -10.07 -2.20
C GLU B 389 12.72 -10.13 -2.79
N ALA B 390 13.01 -11.23 -3.50
CA ALA B 390 14.32 -11.43 -4.15
C ALA B 390 14.64 -10.37 -5.20
N VAL B 391 13.61 -9.89 -5.91
CA VAL B 391 13.77 -8.80 -6.89
C VAL B 391 14.27 -7.56 -6.16
N ALA B 392 13.57 -7.21 -5.07
CA ALA B 392 13.95 -6.09 -4.23
C ALA B 392 15.35 -6.24 -3.64
N GLU B 393 15.63 -7.42 -3.07
CA GLU B 393 16.95 -7.72 -2.47
C GLU B 393 18.09 -7.53 -3.48
N ALA B 394 17.85 -7.91 -4.73
CA ALA B 394 18.85 -7.78 -5.78
C ALA B 394 19.23 -6.34 -6.08
N HIS B 395 18.31 -5.40 -5.85
CA HIS B 395 18.57 -3.97 -6.05
C HIS B 395 19.17 -3.22 -4.86
N LEU B 396 19.24 -3.84 -3.70
CA LEU B 396 19.69 -3.16 -2.47
C LEU B 396 21.17 -2.77 -2.45
N GLY B 397 22.03 -3.59 -3.03
CA GLY B 397 23.46 -3.31 -3.11
C GLY B 397 23.76 -2.01 -3.82
N LYS B 398 23.12 -1.81 -4.98
CA LYS B 398 23.23 -0.56 -5.74
C LYS B 398 22.83 0.64 -4.90
N LEU B 399 21.79 0.47 -4.09
CA LEU B 399 21.30 1.53 -3.21
C LEU B 399 22.11 1.75 -1.92
N ASN B 400 23.27 1.09 -1.79
CA ASN B 400 24.00 0.94 -0.52
C ASN B 400 23.09 0.84 0.71
N VAL B 401 22.27 -0.21 0.68
CA VAL B 401 21.41 -0.59 1.78
C VAL B 401 22.00 -1.86 2.40
N LYS B 402 22.21 -1.81 3.72
CA LYS B 402 22.58 -3.00 4.48
C LYS B 402 21.34 -3.56 5.16
N LEU B 403 20.85 -4.69 4.65
CA LEU B 403 19.67 -5.35 5.19
C LEU B 403 20.03 -6.15 6.45
N THR B 404 19.13 -6.16 7.43
CA THR B 404 19.30 -6.96 8.64
C THR B 404 18.80 -8.38 8.41
N LYS B 405 19.55 -9.36 8.93
CA LYS B 405 19.12 -10.75 8.94
C LYS B 405 18.53 -11.08 10.32
N LEU B 406 17.33 -11.66 10.33
CA LEU B 406 16.73 -12.17 11.57
C LEU B 406 17.63 -13.24 12.19
N THR B 407 17.76 -13.23 13.52
CA THR B 407 18.40 -14.34 14.25
C THR B 407 17.44 -15.52 14.22
N GLU B 408 17.96 -16.72 14.49
CA GLU B 408 17.10 -17.90 14.59
C GLU B 408 15.99 -17.65 15.62
N LYS B 409 16.39 -17.16 16.79
CA LYS B 409 15.46 -16.82 17.88
C LYS B 409 14.33 -15.85 17.45
N GLN B 410 14.69 -14.80 16.71
CA GLN B 410 13.72 -13.78 16.25
C GLN B 410 12.72 -14.36 15.24
N ALA B 411 13.22 -15.20 14.33
CA ALA B 411 12.39 -15.85 13.32
C ALA B 411 11.37 -16.82 13.95
N GLN B 412 11.80 -17.54 14.98
CA GLN B 412 10.92 -18.45 15.73
C GLN B 412 9.85 -17.68 16.51
N TYR B 413 10.25 -16.54 17.08
CA TYR B 413 9.31 -15.65 17.75
C TYR B 413 8.24 -15.13 16.78
N LEU B 414 8.64 -14.75 15.56
CA LEU B 414 7.72 -14.19 14.56
C LEU B 414 6.96 -15.24 13.73
N GLY B 415 7.32 -16.52 13.87
CA GLY B 415 6.65 -17.60 13.15
C GLY B 415 6.89 -17.52 11.65
N MET B 416 8.10 -17.13 11.26
CA MET B 416 8.48 -17.04 9.85
C MET B 416 9.90 -17.57 9.66
N SER B 417 10.19 -17.98 8.44
CA SER B 417 11.53 -18.37 8.04
C SER B 417 12.40 -17.12 7.96
N CYS B 418 13.66 -17.23 8.39
CA CYS B 418 14.58 -16.08 8.33
C CYS B 418 15.04 -15.75 6.89
N ASP B 419 14.70 -16.60 5.93
CA ASP B 419 14.87 -16.30 4.50
C ASP B 419 13.58 -15.80 3.82
N GLY B 420 12.48 -15.72 4.57
CA GLY B 420 11.20 -15.24 4.03
C GLY B 420 10.33 -16.37 3.49
N PRO B 421 9.10 -16.07 3.06
CA PRO B 421 8.57 -14.69 2.99
C PRO B 421 8.28 -14.08 4.35
N PHE B 422 8.34 -12.75 4.40
CA PHE B 422 8.22 -12.00 5.64
C PHE B 422 6.83 -11.43 5.87
N LYS B 423 5.97 -11.47 4.85
CA LYS B 423 4.64 -10.88 4.94
C LYS B 423 3.58 -11.85 4.44
N PRO B 424 2.34 -11.74 4.96
CA PRO B 424 1.24 -12.50 4.39
C PRO B 424 0.82 -11.92 3.04
N ASP B 425 0.11 -12.71 2.24
CA ASP B 425 -0.25 -12.30 0.88
C ASP B 425 -1.17 -11.07 0.81
N HIS B 426 -1.94 -10.80 1.88
CA HIS B 426 -2.79 -9.60 1.97
C HIS B 426 -2.08 -8.30 2.38
N TYR B 427 -0.80 -8.37 2.75
CA TYR B 427 -0.04 -7.21 3.23
C TYR B 427 0.12 -6.21 2.10
N ARG B 428 -0.18 -4.94 2.38
CA ARG B 428 -0.28 -3.91 1.36
C ARG B 428 0.98 -3.04 1.18
N TYR B 429 1.96 -3.19 2.07
CA TYR B 429 3.18 -2.37 2.09
C TYR B 429 2.84 -0.88 2.10
PA NAD C . 4.38 -4.30 9.98
O1A NAD C . 3.70 -3.47 8.92
O2A NAD C . 4.48 -5.80 9.88
O5B NAD C . 5.84 -3.62 10.27
C5B NAD C . 6.84 -4.33 10.99
C4B NAD C . 8.13 -4.26 10.20
O4B NAD C . 9.24 -4.56 11.04
C3B NAD C . 8.11 -5.32 9.13
O3B NAD C . 8.19 -4.65 7.88
C2B NAD C . 9.35 -6.16 9.37
O2B NAD C . 10.05 -6.41 8.16
C1B NAD C . 10.18 -5.30 10.27
N9A NAD C . 11.09 -6.00 11.18
C8A NAD C . 10.83 -7.18 11.81
N7A NAD C . 11.83 -7.58 12.57
C5A NAD C . 12.78 -6.62 12.41
C6A NAD C . 14.05 -6.48 12.95
N6A NAD C . 14.57 -7.44 13.82
N1A NAD C . 14.77 -5.41 12.60
C2A NAD C . 14.23 -4.52 11.76
N3A NAD C . 13.03 -4.54 11.19
C4A NAD C . 12.34 -5.63 11.55
O3 NAD C . 3.70 -3.91 11.39
PN NAD C . 3.12 -2.45 11.79
O1N NAD C . 4.13 -1.41 11.38
O2N NAD C . 1.68 -2.35 11.33
O5D NAD C . 3.12 -2.62 13.40
C5D NAD C . 4.36 -2.91 14.03
C4D NAD C . 4.09 -3.07 15.51
O4D NAD C . 3.46 -1.90 16.01
C3D NAD C . 3.16 -4.22 15.79
O3D NAD C . 3.71 -4.89 16.92
C2D NAD C . 1.84 -3.56 16.15
O2D NAD C . 1.13 -4.31 17.12
C1D NAD C . 2.30 -2.25 16.76
N1N NAD C . 1.38 -1.14 16.83
C2N NAD C . 1.50 -0.30 17.85
C3N NAD C . 0.65 0.79 17.95
C7N NAD C . 0.74 1.74 19.06
O7N NAD C . -0.28 2.26 19.48
N7N NAD C . 2.02 1.97 19.52
C4N NAD C . -0.32 0.99 16.99
C5N NAD C . -0.43 0.11 15.94
C6N NAD C . 0.45 -0.96 15.88
C1 EDO D . 5.65 11.83 30.56
O1 EDO D . 5.24 12.21 31.89
C2 EDO D . 5.00 12.77 29.56
O2 EDO D . 3.57 12.85 29.73
C1 EDO E . 21.20 18.99 18.61
O1 EDO E . 20.77 17.69 19.05
C2 EDO E . 20.13 19.66 17.75
O2 EDO E . 18.80 19.24 18.02
C1 EDO F . 23.12 -8.12 24.61
O1 EDO F . 24.04 -7.79 25.65
C2 EDO F . 21.81 -8.55 25.24
O2 EDO F . 21.24 -7.42 25.94
C1 EDO G . -9.01 14.98 10.75
O1 EDO G . -8.01 15.95 11.08
C2 EDO G . -10.33 15.63 10.37
O2 EDO G . -10.46 16.96 10.86
C1 EDO H . -3.99 -10.12 11.52
O1 EDO H . -5.17 -9.37 11.21
C2 EDO H . -2.73 -9.43 10.96
O2 EDO H . -2.94 -8.93 9.64
C1 EDO I . 8.41 4.80 35.89
O1 EDO I . 9.09 5.48 34.83
C2 EDO I . 7.75 5.81 36.83
O2 EDO I . 6.36 6.03 36.55
N1 9W1 J . -8.70 2.67 22.02
N3 9W1 J . -10.25 4.25 22.61
C4 9W1 J . -4.43 5.13 27.17
C5 9W1 J . -4.79 1.92 24.50
C6 9W1 J . -3.95 0.62 26.29
C7 9W1 J . -5.21 4.14 26.60
C8 9W1 J . -4.54 1.79 25.85
C10 9W1 J . -8.09 3.85 22.11
C13 9W1 J . -9.06 4.83 22.48
C15 9W1 J . -3.80 1.88 21.32
C17 9W1 J . -6.06 1.60 21.81
C20 9W1 J . -2.70 7.31 27.76
C1 9W1 J . -6.65 5.81 25.68
C2 9W1 J . -6.33 4.48 25.87
C3 9W1 J . -5.88 6.80 26.24
C9 9W1 J . -4.77 6.46 26.99
C11 9W1 J . -4.45 0.89 23.63
C12 9W1 J . -3.63 -0.35 25.37
C14 9W1 J . -6.68 4.06 21.88
C16 9W1 J . -4.44 3.24 21.41
C18 9W1 J . -4.72 1.00 22.16
C19 9W1 J . -2.99 -1.61 25.85
N2 9W1 J . -3.87 -0.24 24.06
N4 9W1 J . -5.86 3.00 21.51
N5 9W1 J . -8.78 6.14 22.66
N6 9W1 J . -4.86 2.79 26.81
O1 9W1 J . -6.25 5.20 22.01
O2 9W1 J . -10.03 2.91 22.32
O3 9W1 J . -4.07 7.56 27.50
C1 EDO K . 19.56 4.99 0.00
O1 EDO K . 19.21 6.12 0.80
C2 EDO K . 20.94 5.25 -0.62
O2 EDO K . 21.18 6.65 -0.78
PA NAD L . -5.06 2.89 -9.96
O1A NAD L . -4.09 2.61 -8.85
O2A NAD L . -6.34 2.11 -10.14
O5B NAD L . -5.38 4.49 -9.96
C5B NAD L . -6.45 5.01 -10.75
C4B NAD L . -7.23 5.95 -9.86
O4B NAD L . -8.06 6.78 -10.67
C3B NAD L . -8.15 5.13 -8.98
O3B NAD L . -7.84 5.43 -7.62
C2B NAD L . -9.55 5.61 -9.31
O2B NAD L . -10.30 5.81 -8.12
C1B NAD L . -9.29 6.95 -9.99
N9A NAD L . -10.35 7.38 -10.90
C8A NAD L . -11.03 6.60 -11.79
N7A NAD L . -11.93 7.27 -12.47
C5A NAD L . -11.84 8.55 -12.00
C6A NAD L . -12.51 9.72 -12.32
N6A NAD L . -13.52 9.72 -13.29
N1A NAD L . -12.18 10.84 -11.68
C2A NAD L . -11.21 10.80 -10.75
N3A NAD L . -10.50 9.75 -10.36
C4A NAD L . -10.86 8.64 -11.03
O3 NAD L . -4.22 2.85 -11.34
PN NAD L . -2.68 3.36 -11.55
O1N NAD L . -2.55 4.73 -10.92
O2N NAD L . -1.75 2.22 -11.20
O5D NAD L . -2.71 3.52 -13.16
C5D NAD L . -3.58 4.49 -13.73
C4D NAD L . -3.36 4.53 -15.22
O4D NAD L . -1.99 4.83 -15.46
C3D NAD L . -3.65 3.20 -15.86
O3D NAD L . -4.35 3.47 -17.07
C2D NAD L . -2.27 2.63 -16.14
O2D NAD L . -2.29 1.81 -17.29
C1D NAD L . -1.48 3.88 -16.40
N1N NAD L . -0.02 3.81 -16.33
C2N NAD L . 0.67 4.59 -17.16
C3N NAD L . 2.05 4.55 -17.12
C7N NAD L . 2.87 5.38 -18.01
O7N NAD L . 3.86 4.91 -18.54
N7N NAD L . 2.41 6.68 -18.15
C4N NAD L . 2.71 3.70 -16.25
C5N NAD L . 1.97 2.90 -15.41
C6N NAD L . 0.59 2.98 -15.47
C1 EDO M . -18.27 18.28 -24.08
O1 EDO M . -18.05 18.83 -22.77
C2 EDO M . -17.29 17.13 -24.33
O2 EDO M . -15.94 17.64 -24.37
C1 EDO N . 0.35 28.99 -5.04
O1 EDO N . -0.49 29.09 -3.88
C2 EDO N . -0.54 28.53 -6.18
O2 EDO N . -1.49 29.54 -6.51
C1 EDO O . -1.01 30.43 -30.62
O1 EDO O . -0.01 29.46 -30.98
C2 EDO O . -2.40 29.84 -30.74
O2 EDO O . -3.34 30.92 -30.84
C1 EDO P . 20.96 4.55 -17.59
O1 EDO P . 20.65 4.51 -18.99
C2 EDO P . 20.35 5.79 -16.96
O2 EDO P . 19.16 5.52 -16.19
C1 EDO Q . 30.21 5.16 -30.42
O1 EDO Q . 30.77 6.31 -29.78
C2 EDO Q . 28.72 5.36 -30.71
O2 EDO Q . 28.40 6.70 -31.12
C1 EDO R . -4.85 -6.57 -12.18
O1 EDO R . -4.41 -5.56 -11.26
C2 EDO R . -4.16 -6.39 -13.52
O2 EDO R . -3.14 -7.36 -13.80
C1 EDO S . 9.81 17.38 -25.60
O1 EDO S . 10.61 16.24 -25.98
C2 EDO S . 8.74 17.65 -26.65
O2 EDO S . 9.32 18.20 -27.85
N1 9W1 T . 9.79 -0.42 -21.57
N3 9W1 T . 12.06 -0.44 -21.91
C4 9W1 T . 9.65 5.24 -25.82
C5 9W1 T . 7.03 2.56 -23.77
C6 9W1 T . 5.73 2.81 -25.73
C7 9W1 T . 9.28 3.99 -25.39
C8 9W1 T . 6.95 2.95 -25.10
C10 9W1 T . 10.27 0.79 -21.28
C13 9W1 T . 11.68 0.77 -21.50
C15 9W1 T . 5.91 2.69 -20.63
C17 9W1 T . 7.21 0.86 -21.33
C20 9W1 T . 10.34 8.03 -25.41
C1 9W1 T . 11.34 3.83 -24.17
C2 9W1 T . 10.13 3.28 -24.56
C3 9W1 T . 11.71 5.08 -24.60
C9 9W1 T . 10.86 5.79 -25.42
C11 9W1 T . 5.90 2.06 -23.15
C12 9W1 T . 4.65 2.30 -25.04
C14 9W1 T . 9.47 1.91 -20.84
C16 9W1 T . 7.33 2.88 -20.16
C18 9W1 T . 5.95 1.62 -21.71
C19 9W1 T . 3.35 2.16 -25.74
N2 9W1 T . 4.72 1.92 -23.76
N4 9W1 T . 8.10 1.76 -20.64
N5 9W1 T . 12.49 1.84 -21.31
N6 9W1 T . 8.04 3.47 -25.83
O1 9W1 T . 10.04 2.98 -20.63
O2 9W1 T . 10.89 -1.18 -21.96
O3 9W1 T . 11.27 7.04 -25.84
#